data_5KXC
#
_entry.id   5KXC
#
_cell.length_a   79.745
_cell.length_b   103.383
_cell.length_c   148.922
_cell.angle_alpha   90.000
_cell.angle_beta   90.000
_cell.angle_gamma   90.000
#
_symmetry.space_group_name_H-M   'P 21 21 21'
#
loop_
_entity.id
_entity.type
_entity.pdbx_description
1 polymer 'Wisteria floribunda agglutinin'
2 branched alpha-L-fucopyranose-(1-3)-2-acetamido-2-deoxy-beta-D-glucopyranose
3 branched beta-D-mannopyranose-(1-4)-2-acetamido-2-deoxy-beta-D-glucopyranose-(1-4)-[alpha-L-fucopyranose-(1-3)]2-acetamido-2-deoxy-beta-D-glucopyranose
4 non-polymer ~{N}-[(2~{S},3~{R},4~{R},5~{R},6~{R})-2-[(2~{R},3~{S},4~{R},5~{R},6~{S})-5-acetamido-2-(hydroxymethyl)-6-(4-nitrophenoxy)-4-oxidanyl-oxan-3-yl]oxy-6-(hydroxymethyl)-4,5-bis(oxidanyl)oxan-3-yl]ethanamide
5 non-polymer 'CALCIUM ION'
6 non-polymer 'MANGANESE (II) ION'
7 non-polymer 2-acetamido-2-deoxy-beta-D-glucopyranose
8 water water
#
_entity_poly.entity_id   1
_entity_poly.type   'polypeptide(L)'
_entity_poly.pdbx_seq_one_letter_code
;KETTSFVFTRFSPDPQNLLLQGDTVVTSSGHLQLTQVKDGEPVYSSLGRALYYAPIHIWDSNTDTVANFVTSFSFVIDAP
NKAKAADGLAFFLAPVDTEPQKPGGLLGLFHDDRHNKSNHIVAVEFDTFKNSWDPEGTHIGINVNSIVSRKTISWDLEND
EVANVVISYQASTKTLTASLVYPSSSTSYILNDVVDLKQILPEYVRVGFTAASGLSKDHVETHDVLAWTFDSDLPDPSSD
DCN
;
_entity_poly.pdbx_strand_id   A,B,C,D
#
# COMPACT_ATOMS: atom_id res chain seq x y z
N LYS A 1 9.85 10.65 7.22
CA LYS A 1 9.56 9.28 6.71
C LYS A 1 9.71 9.26 5.17
N GLU A 2 10.35 8.24 4.64
CA GLU A 2 10.47 8.05 3.20
C GLU A 2 10.15 6.61 2.88
N THR A 3 9.41 6.40 1.79
CA THR A 3 9.16 5.04 1.32
C THR A 3 9.37 4.99 -0.20
N THR A 4 9.74 3.80 -0.68
CA THR A 4 9.90 3.52 -2.09
C THR A 4 9.27 2.17 -2.35
N SER A 5 8.53 2.05 -3.45
CA SER A 5 7.86 0.81 -3.73
C SER A 5 7.73 0.66 -5.25
N PHE A 6 7.87 -0.58 -5.74
CA PHE A 6 7.59 -0.88 -7.14
C PHE A 6 7.19 -2.34 -7.32
N VAL A 7 6.43 -2.58 -8.40
CA VAL A 7 5.98 -3.92 -8.78
C VAL A 7 6.19 -4.05 -10.29
N PHE A 8 6.78 -5.18 -10.71
CA PHE A 8 6.76 -5.65 -12.09
C PHE A 8 6.22 -7.07 -12.04
N THR A 9 5.06 -7.36 -12.64
CA THR A 9 4.62 -8.75 -12.79
C THR A 9 5.16 -9.37 -14.08
N ARG A 10 5.71 -8.54 -14.94
CA ARG A 10 6.49 -8.91 -16.12
C ARG A 10 7.23 -7.63 -16.55
N PHE A 11 8.14 -7.73 -17.51
CA PHE A 11 8.98 -6.63 -17.89
C PHE A 11 8.73 -6.27 -19.34
N SER A 12 8.76 -4.96 -19.64
CA SER A 12 8.47 -4.47 -20.99
C SER A 12 9.81 -4.31 -21.76
N PRO A 13 9.75 -4.28 -23.10
CA PRO A 13 10.99 -4.43 -23.87
C PRO A 13 12.06 -3.37 -23.67
N ASP A 14 11.73 -2.12 -23.34
CA ASP A 14 12.83 -1.17 -23.10
C ASP A 14 12.59 -0.50 -21.75
N PRO A 15 12.94 -1.20 -20.63
CA PRO A 15 12.53 -0.71 -19.31
C PRO A 15 13.46 0.43 -18.85
N GLN A 16 13.04 1.65 -19.10
CA GLN A 16 13.87 2.82 -18.81
C GLN A 16 13.99 3.14 -17.33
N ASN A 17 13.17 2.50 -16.49
CA ASN A 17 13.36 2.61 -15.04
C ASN A 17 14.20 1.48 -14.43
N LEU A 18 14.84 0.68 -15.29
CA LEU A 18 15.86 -0.27 -14.89
C LEU A 18 17.16 0.09 -15.59
N LEU A 19 18.25 -0.05 -14.85
CA LEU A 19 19.59 0.16 -15.38
C LEU A 19 20.12 -1.25 -15.69
N LEU A 20 20.15 -1.58 -16.99
CA LEU A 20 20.63 -2.87 -17.44
C LEU A 20 22.13 -2.79 -17.68
N GLN A 21 22.88 -3.75 -17.16
CA GLN A 21 24.35 -3.76 -17.26
C GLN A 21 24.80 -5.08 -17.83
N GLY A 22 25.90 -5.05 -18.57
CA GLY A 22 26.41 -6.26 -19.24
C GLY A 22 25.46 -6.82 -20.24
N ASP A 23 25.26 -8.13 -20.20
CA ASP A 23 24.49 -8.86 -21.22
C ASP A 23 22.98 -8.85 -21.10
N THR A 24 22.43 -8.23 -20.05
CA THR A 24 21.00 -8.34 -19.81
C THR A 24 20.13 -7.82 -20.95
N VAL A 25 19.11 -8.59 -21.32
CA VAL A 25 18.04 -8.12 -22.20
C VAL A 25 16.68 -8.51 -21.65
N VAL A 26 15.63 -7.92 -22.19
CA VAL A 26 14.28 -8.35 -21.92
C VAL A 26 13.80 -9.23 -23.06
N THR A 27 13.25 -10.39 -22.72
CA THR A 27 12.79 -11.34 -23.75
C THR A 27 11.41 -10.95 -24.23
N SER A 28 10.98 -11.56 -25.34
CA SER A 28 9.64 -11.29 -25.87
C SER A 28 8.56 -11.81 -24.92
N SER A 29 8.86 -12.77 -24.07
CA SER A 29 7.93 -13.21 -23.03
C SER A 29 7.88 -12.27 -21.80
N GLY A 30 8.68 -11.20 -21.81
CA GLY A 30 8.73 -10.23 -20.73
C GLY A 30 9.52 -10.65 -19.51
N HIS A 31 10.56 -11.44 -19.72
CA HIS A 31 11.47 -11.82 -18.67
C HIS A 31 12.77 -11.06 -18.78
N LEU A 32 13.40 -10.86 -17.63
CA LEU A 32 14.73 -10.28 -17.57
C LEU A 32 15.73 -11.42 -17.74
N GLN A 33 16.36 -11.48 -18.92
CA GLN A 33 17.31 -12.52 -19.25
C GLN A 33 18.69 -12.01 -18.93
N LEU A 34 19.22 -12.38 -17.76
CA LEU A 34 20.45 -11.76 -17.28
C LEU A 34 21.69 -12.27 -18.02
N THR A 35 21.71 -13.55 -18.39
CA THR A 35 22.84 -14.11 -19.16
C THR A 35 22.37 -14.57 -20.54
N GLN A 36 23.30 -14.52 -21.47
CA GLN A 36 22.99 -14.55 -22.89
C GLN A 36 22.49 -15.92 -23.32
N VAL A 37 21.52 -15.89 -24.24
CA VAL A 37 20.99 -17.06 -24.88
C VAL A 37 21.18 -16.84 -26.38
N LYS A 38 21.75 -17.83 -27.06
CA LYS A 38 21.92 -17.79 -28.52
C LYS A 38 21.35 -19.07 -29.10
N ASP A 39 20.38 -18.93 -30.01
CA ASP A 39 19.70 -20.08 -30.63
C ASP A 39 19.16 -21.06 -29.59
N GLY A 40 18.48 -20.54 -28.58
CA GLY A 40 17.88 -21.37 -27.52
C GLY A 40 18.83 -21.93 -26.47
N GLU A 41 20.13 -21.66 -26.56
CA GLU A 41 21.13 -22.26 -25.67
C GLU A 41 21.88 -21.18 -24.88
N PRO A 42 22.12 -21.42 -23.57
CA PRO A 42 22.85 -20.46 -22.79
C PRO A 42 24.30 -20.38 -23.21
N VAL A 43 24.83 -19.17 -23.20
CA VAL A 43 26.19 -18.89 -23.64
C VAL A 43 27.12 -18.79 -22.44
N TYR A 44 28.33 -19.34 -22.56
CA TYR A 44 29.33 -19.25 -21.47
C TYR A 44 29.92 -17.86 -21.36
N SER A 45 30.58 -17.61 -20.24
CA SER A 45 31.26 -16.34 -19.97
C SER A 45 30.35 -15.12 -20.09
N SER A 46 29.08 -15.27 -19.72
CA SER A 46 28.10 -14.20 -19.81
C SER A 46 27.86 -13.65 -18.40
N LEU A 47 27.69 -12.34 -18.32
CA LEU A 47 27.42 -11.64 -17.06
C LEU A 47 26.44 -10.54 -17.36
N GLY A 48 25.35 -10.48 -16.60
CA GLY A 48 24.39 -9.40 -16.73
C GLY A 48 23.81 -9.00 -15.39
N ARG A 49 23.50 -7.71 -15.25
CA ARG A 49 22.89 -7.17 -14.06
C ARG A 49 21.70 -6.29 -14.44
N ALA A 50 20.83 -6.03 -13.48
CA ALA A 50 19.70 -5.16 -13.66
C ALA A 50 19.36 -4.51 -12.34
N LEU A 51 19.38 -3.19 -12.31
CA LEU A 51 19.17 -2.42 -11.09
C LEU A 51 17.96 -1.52 -11.26
N TYR A 52 17.20 -1.32 -10.17
CA TYR A 52 16.17 -0.29 -10.22
C TYR A 52 16.84 1.06 -10.36
N TYR A 53 16.26 1.92 -11.20
CA TYR A 53 16.92 3.19 -11.56
C TYR A 53 17.07 4.13 -10.36
N ALA A 54 16.04 4.25 -9.53
CA ALA A 54 16.12 5.18 -8.41
C ALA A 54 16.92 4.58 -7.26
N PRO A 55 17.86 5.36 -6.71
CA PRO A 55 18.48 4.98 -5.46
C PRO A 55 17.44 4.81 -4.36
N ILE A 56 17.74 3.90 -3.45
CA ILE A 56 16.92 3.61 -2.30
C ILE A 56 17.61 4.22 -1.08
N HIS A 57 16.86 4.94 -0.27
CA HIS A 57 17.37 5.57 0.94
C HIS A 57 17.28 4.55 2.05
N ILE A 58 18.40 3.92 2.38
CA ILE A 58 18.37 2.82 3.36
C ILE A 58 18.73 3.23 4.79
N TRP A 59 19.47 4.32 4.95
CA TRP A 59 19.63 4.93 6.28
C TRP A 59 19.94 6.41 6.16
N ASP A 60 19.71 7.13 7.26
CA ASP A 60 19.83 8.59 7.23
C ASP A 60 20.64 9.04 8.44
N SER A 61 21.81 9.63 8.18
CA SER A 61 22.70 10.12 9.24
C SER A 61 22.12 11.34 9.95
N ASN A 62 21.32 12.12 9.24
CA ASN A 62 20.68 13.30 9.79
C ASN A 62 19.69 12.99 10.92
N THR A 63 18.90 11.92 10.76
CA THR A 63 17.85 11.54 11.73
C THR A 63 18.19 10.28 12.54
N ASP A 64 19.38 9.70 12.31
CA ASP A 64 19.80 8.41 12.85
C ASP A 64 18.76 7.28 12.71
N THR A 65 18.16 7.16 11.52
CA THR A 65 17.20 6.10 11.24
C THR A 65 17.73 5.13 10.21
N VAL A 66 17.18 3.92 10.21
CA VAL A 66 17.57 2.86 9.30
C VAL A 66 16.28 2.24 8.74
N ALA A 67 16.31 1.92 7.46
CA ALA A 67 15.13 1.41 6.77
C ALA A 67 14.89 -0.07 6.95
N ASN A 68 13.61 -0.47 6.91
CA ASN A 68 13.23 -1.85 6.62
C ASN A 68 13.06 -2.00 5.12
N PHE A 69 13.20 -3.23 4.63
CA PHE A 69 12.74 -3.50 3.23
C PHE A 69 12.27 -4.92 3.10
N VAL A 70 11.44 -5.16 2.10
CA VAL A 70 11.04 -6.51 1.70
C VAL A 70 11.02 -6.52 0.18
N THR A 71 11.61 -7.54 -0.42
CA THR A 71 11.56 -7.74 -1.86
C THR A 71 11.13 -9.17 -2.17
N SER A 72 10.36 -9.33 -3.24
CA SER A 72 9.97 -10.66 -3.68
C SER A 72 10.30 -10.73 -5.16
N PHE A 73 10.71 -11.90 -5.61
CA PHE A 73 10.90 -12.11 -7.05
C PHE A 73 10.81 -13.57 -7.39
N SER A 74 10.57 -13.84 -8.68
CA SER A 74 10.52 -15.17 -9.23
C SER A 74 11.64 -15.30 -10.26
N PHE A 75 12.35 -16.43 -10.22
CA PHE A 75 13.43 -16.68 -11.18
C PHE A 75 13.46 -18.12 -11.61
N VAL A 76 14.12 -18.34 -12.76
CA VAL A 76 14.31 -19.66 -13.31
C VAL A 76 15.77 -19.78 -13.75
N ILE A 77 16.38 -20.91 -13.39
CA ILE A 77 17.68 -21.33 -13.91
C ILE A 77 17.43 -22.63 -14.67
N ASP A 78 17.88 -22.65 -15.93
CA ASP A 78 17.78 -23.83 -16.80
C ASP A 78 19.19 -24.21 -17.26
N ALA A 79 19.74 -25.27 -16.69
CA ALA A 79 21.05 -25.81 -17.08
C ALA A 79 20.82 -27.00 -18.00
N PRO A 80 21.33 -26.95 -19.24
CA PRO A 80 21.17 -28.14 -20.15
C PRO A 80 21.71 -29.43 -19.52
N ASN A 81 22.80 -29.33 -18.78
CA ASN A 81 23.40 -30.42 -18.02
C ASN A 81 23.53 -29.99 -16.56
N LYS A 82 22.65 -30.55 -15.72
CA LYS A 82 22.59 -30.14 -14.31
C LYS A 82 23.93 -30.34 -13.58
N ALA A 83 24.67 -31.39 -13.94
CA ALA A 83 25.98 -31.64 -13.34
C ALA A 83 27.03 -30.58 -13.68
N LYS A 84 26.85 -29.82 -14.76
CA LYS A 84 27.77 -28.74 -15.13
C LYS A 84 27.11 -27.35 -15.02
N ALA A 85 26.25 -27.18 -14.03
CA ALA A 85 25.64 -25.87 -13.76
C ALA A 85 26.69 -24.86 -13.29
N ALA A 86 26.64 -23.63 -13.82
CA ALA A 86 27.44 -22.52 -13.30
C ALA A 86 26.94 -21.19 -13.85
N ASP A 87 27.12 -20.06 -13.15
CA ASP A 87 27.62 -19.91 -11.78
C ASP A 87 26.56 -19.50 -10.74
N GLY A 88 25.51 -18.84 -11.19
CA GLY A 88 24.38 -18.52 -10.33
C GLY A 88 23.89 -17.10 -10.46
N LEU A 89 23.03 -16.71 -9.51
CA LEU A 89 22.28 -15.48 -9.54
C LEU A 89 22.29 -14.89 -8.15
N ALA A 90 22.29 -13.57 -8.03
CA ALA A 90 22.15 -12.91 -6.73
C ALA A 90 21.25 -11.69 -6.81
N PHE A 91 20.57 -11.44 -5.69
CA PHE A 91 19.99 -10.17 -5.39
C PHE A 91 20.98 -9.40 -4.57
N PHE A 92 21.16 -8.12 -4.86
CA PHE A 92 22.13 -7.32 -4.11
C PHE A 92 21.78 -5.86 -3.92
N LEU A 93 22.44 -5.26 -2.94
CA LEU A 93 22.46 -3.84 -2.67
C LEU A 93 23.91 -3.36 -2.76
N ALA A 94 24.11 -2.20 -3.32
CA ALA A 94 25.45 -1.70 -3.64
C ALA A 94 25.43 -0.19 -3.77
N PRO A 95 26.62 0.46 -3.77
CA PRO A 95 26.62 1.91 -4.02
C PRO A 95 25.90 2.30 -5.30
N VAL A 96 25.39 3.53 -5.32
CA VAL A 96 24.58 4.01 -6.46
C VAL A 96 25.28 3.86 -7.81
N ASP A 97 26.58 4.14 -7.83
CA ASP A 97 27.37 4.07 -9.07
C ASP A 97 27.94 2.68 -9.38
N THR A 98 27.45 1.63 -8.72
CA THR A 98 27.94 0.28 -8.93
C THR A 98 27.99 -0.14 -10.39
N GLU A 99 29.08 -0.81 -10.75
CA GLU A 99 29.32 -1.33 -12.09
C GLU A 99 29.64 -2.83 -11.97
N PRO A 100 29.38 -3.59 -13.05
CA PRO A 100 29.71 -5.03 -12.99
C PRO A 100 31.19 -5.28 -12.75
N GLN A 101 31.49 -6.29 -11.96
CA GLN A 101 32.86 -6.66 -11.65
C GLN A 101 33.20 -7.95 -12.39
N LYS A 102 33.92 -8.87 -11.76
CA LYS A 102 34.40 -10.06 -12.45
C LYS A 102 33.27 -11.07 -12.68
N PRO A 103 33.34 -11.80 -13.80
CA PRO A 103 32.34 -12.78 -14.14
C PRO A 103 32.55 -14.13 -13.39
N GLY A 104 31.89 -15.17 -13.87
CA GLY A 104 32.06 -16.50 -13.32
C GLY A 104 31.60 -16.57 -11.88
N GLY A 105 32.39 -17.23 -11.03
CA GLY A 105 32.06 -17.45 -9.62
C GLY A 105 32.06 -16.21 -8.75
N LEU A 106 32.58 -15.09 -9.25
CA LEU A 106 32.46 -13.83 -8.52
C LEU A 106 31.12 -13.11 -8.80
N LEU A 107 30.34 -13.64 -9.73
CA LEU A 107 28.93 -13.29 -9.96
C LEU A 107 28.68 -11.85 -10.39
N GLY A 108 29.71 -11.20 -10.94
CA GLY A 108 29.62 -9.79 -11.26
C GLY A 108 29.65 -8.85 -10.08
N LEU A 109 29.86 -9.36 -8.88
CA LEU A 109 29.77 -8.56 -7.68
C LEU A 109 31.08 -8.07 -7.16
N PHE A 110 32.12 -8.87 -7.31
CA PHE A 110 33.40 -8.62 -6.66
C PHE A 110 34.53 -8.68 -7.69
N HIS A 111 35.59 -7.93 -7.41
CA HIS A 111 36.79 -7.91 -8.26
C HIS A 111 37.70 -9.11 -7.95
N ASP A 112 37.63 -9.65 -6.74
CA ASP A 112 38.42 -10.81 -6.34
C ASP A 112 37.71 -11.59 -5.22
N ASP A 113 38.34 -12.63 -4.68
CA ASP A 113 37.75 -13.48 -3.64
C ASP A 113 38.04 -13.06 -2.20
N ARG A 114 38.52 -11.82 -2.01
CA ARG A 114 38.87 -11.33 -0.69
C ARG A 114 37.76 -10.48 -0.12
N HIS A 115 37.84 -10.28 1.19
CA HIS A 115 36.97 -9.40 1.91
C HIS A 115 37.51 -7.97 1.88
N ASN A 116 36.62 -7.02 1.64
CA ASN A 116 37.01 -5.62 1.61
C ASN A 116 35.80 -4.77 1.98
N LYS A 117 35.90 -4.09 3.11
CA LYS A 117 34.86 -3.16 3.61
C LYS A 117 34.44 -2.08 2.61
N SER A 118 35.34 -1.70 1.68
CA SER A 118 35.02 -0.68 0.68
C SER A 118 34.23 -1.22 -0.51
N ASN A 119 33.96 -2.52 -0.54
CA ASN A 119 33.04 -3.06 -1.54
C ASN A 119 31.61 -2.50 -1.35
N HIS A 120 31.20 -2.34 -0.09
CA HIS A 120 29.84 -1.94 0.26
C HIS A 120 28.77 -2.77 -0.48
N ILE A 121 28.87 -4.09 -0.38
CA ILE A 121 27.93 -5.00 -1.03
C ILE A 121 27.27 -5.91 0.00
N VAL A 122 25.94 -6.02 -0.08
CA VAL A 122 25.19 -7.04 0.62
C VAL A 122 24.42 -7.80 -0.45
N ALA A 123 24.50 -9.12 -0.44
CA ALA A 123 23.89 -9.94 -1.48
C ALA A 123 23.33 -11.24 -0.92
N VAL A 124 22.31 -11.74 -1.60
CA VAL A 124 21.82 -13.07 -1.38
C VAL A 124 22.05 -13.82 -2.66
N GLU A 125 22.88 -14.85 -2.58
CA GLU A 125 23.30 -15.62 -3.77
C GLU A 125 22.63 -16.98 -3.84
N PHE A 126 22.36 -17.40 -5.07
CA PHE A 126 21.85 -18.71 -5.44
C PHE A 126 22.97 -19.29 -6.31
N ASP A 127 23.83 -20.07 -5.65
CA ASP A 127 25.16 -20.42 -6.15
C ASP A 127 25.17 -21.85 -6.62
N THR A 128 25.33 -22.03 -7.94
CA THR A 128 25.20 -23.32 -8.60
C THR A 128 26.56 -24.00 -8.90
N PHE A 129 27.68 -23.38 -8.51
CA PHE A 129 29.00 -23.96 -8.82
C PHE A 129 29.94 -23.84 -7.64
N LYS A 130 30.54 -24.97 -7.25
CA LYS A 130 31.46 -24.99 -6.12
C LYS A 130 32.83 -24.43 -6.46
N ASN A 131 33.07 -23.19 -6.04
CA ASN A 131 34.39 -22.57 -6.11
C ASN A 131 35.22 -23.00 -4.89
N SER A 132 36.49 -22.60 -4.86
CA SER A 132 37.39 -23.00 -3.79
C SER A 132 36.97 -22.47 -2.42
N TRP A 133 36.27 -21.33 -2.41
CA TRP A 133 35.74 -20.69 -1.20
C TRP A 133 34.34 -21.19 -0.76
N ASP A 134 33.73 -22.07 -1.54
CA ASP A 134 32.33 -22.48 -1.34
C ASP A 134 32.18 -23.70 -0.45
N PRO A 135 31.05 -23.81 0.26
CA PRO A 135 30.71 -25.07 0.90
C PRO A 135 30.41 -26.14 -0.15
N GLU A 136 30.29 -27.38 0.31
CA GLU A 136 29.92 -28.48 -0.59
C GLU A 136 28.46 -28.35 -1.00
N GLY A 137 28.19 -28.58 -2.26
CA GLY A 137 26.84 -28.56 -2.80
C GLY A 137 26.38 -27.16 -3.18
N THR A 138 25.41 -27.12 -4.07
CA THR A 138 24.72 -25.88 -4.44
C THR A 138 24.03 -25.30 -3.19
N HIS A 139 24.01 -23.98 -3.09
CA HIS A 139 23.64 -23.33 -1.83
C HIS A 139 23.10 -21.93 -2.04
N ILE A 140 22.36 -21.47 -1.04
CA ILE A 140 21.95 -20.09 -0.91
C ILE A 140 22.89 -19.49 0.12
N GLY A 141 23.35 -18.28 -0.13
CA GLY A 141 24.23 -17.60 0.81
C GLY A 141 23.91 -16.14 1.04
N ILE A 142 24.21 -15.64 2.23
CA ILE A 142 24.22 -14.23 2.56
C ILE A 142 25.66 -13.74 2.51
N ASN A 143 25.90 -12.76 1.66
CA ASN A 143 27.25 -12.23 1.41
C ASN A 143 27.33 -10.80 1.87
N VAL A 144 28.40 -10.46 2.61
CA VAL A 144 28.64 -9.13 3.05
C VAL A 144 30.09 -8.77 2.73
N ASN A 145 30.29 -7.93 1.73
CA ASN A 145 31.64 -7.45 1.34
C ASN A 145 32.62 -8.50 0.82
N SER A 146 32.13 -9.69 0.51
CA SER A 146 32.95 -10.79 0.05
C SER A 146 32.09 -11.84 -0.66
N ILE A 147 32.69 -12.50 -1.65
CA ILE A 147 32.10 -13.70 -2.25
C ILE A 147 32.06 -14.91 -1.29
N VAL A 148 32.82 -14.85 -0.21
CA VAL A 148 32.85 -15.91 0.80
C VAL A 148 31.70 -15.63 1.76
N SER A 149 30.58 -16.33 1.58
CA SER A 149 29.36 -16.00 2.31
C SER A 149 29.54 -16.03 3.81
N ARG A 150 28.89 -15.10 4.49
CA ARG A 150 28.77 -15.11 5.94
C ARG A 150 28.01 -16.32 6.46
N LYS A 151 27.03 -16.78 5.71
CA LYS A 151 26.20 -17.93 6.09
C LYS A 151 25.62 -18.54 4.84
N THR A 152 25.55 -19.87 4.81
CA THR A 152 25.00 -20.62 3.68
C THR A 152 24.07 -21.71 4.19
N ILE A 153 23.14 -22.11 3.33
CA ILE A 153 22.39 -23.33 3.48
C ILE A 153 22.33 -24.06 2.17
N SER A 154 22.17 -25.37 2.27
CA SER A 154 22.03 -26.20 1.11
C SER A 154 20.73 -25.87 0.34
N TRP A 155 20.82 -25.88 -0.99
CA TRP A 155 19.70 -25.63 -1.87
C TRP A 155 19.88 -26.46 -3.12
N ASP A 156 18.92 -27.31 -3.45
CA ASP A 156 18.96 -28.12 -4.66
C ASP A 156 18.23 -27.37 -5.78
N LEU A 157 18.97 -27.08 -6.86
CA LEU A 157 18.37 -26.48 -8.05
C LEU A 157 17.31 -27.40 -8.66
N GLU A 158 16.10 -26.89 -8.82
CA GLU A 158 15.08 -27.60 -9.58
C GLU A 158 15.10 -27.00 -10.96
N ASN A 159 15.66 -27.78 -11.86
CA ASN A 159 16.03 -27.27 -13.16
C ASN A 159 14.81 -26.79 -13.94
N ASP A 160 14.90 -25.58 -14.48
CA ASP A 160 13.83 -24.98 -15.26
C ASP A 160 12.44 -24.85 -14.55
N GLU A 161 12.43 -24.82 -13.22
CA GLU A 161 11.23 -24.59 -12.43
C GLU A 161 11.28 -23.19 -11.81
N VAL A 162 10.10 -22.60 -11.61
CA VAL A 162 10.04 -21.23 -11.06
C VAL A 162 10.31 -21.30 -9.54
N ALA A 163 11.28 -20.51 -9.10
CA ALA A 163 11.57 -20.29 -7.70
C ALA A 163 10.98 -18.94 -7.25
N ASN A 164 10.31 -18.92 -6.12
CA ASN A 164 9.76 -17.70 -5.54
C ASN A 164 10.57 -17.33 -4.32
N VAL A 165 11.23 -16.19 -4.37
CA VAL A 165 12.12 -15.70 -3.33
C VAL A 165 11.49 -14.51 -2.62
N VAL A 166 11.70 -14.45 -1.29
CA VAL A 166 11.39 -13.28 -0.49
C VAL A 166 12.61 -12.97 0.38
N ILE A 167 13.06 -11.73 0.30
CA ILE A 167 14.20 -11.25 1.11
C ILE A 167 13.73 -10.05 1.88
N SER A 168 13.97 -10.04 3.19
CA SER A 168 13.52 -8.94 4.04
C SER A 168 14.56 -8.54 5.06
N TYR A 169 14.55 -7.27 5.42
CA TYR A 169 15.47 -6.70 6.38
C TYR A 169 14.69 -6.00 7.46
N GLN A 170 14.94 -6.40 8.72
CA GLN A 170 14.28 -5.83 9.89
C GLN A 170 15.35 -5.01 10.62
N ALA A 171 15.27 -3.70 10.50
CA ALA A 171 16.28 -2.80 11.06
C ALA A 171 16.43 -2.93 12.58
N SER A 172 15.32 -3.14 13.27
CA SER A 172 15.33 -3.17 14.76
C SER A 172 16.19 -4.32 15.32
N THR A 173 16.31 -5.42 14.57
CA THR A 173 17.11 -6.58 14.96
C THR A 173 18.32 -6.79 14.07
N LYS A 174 18.54 -5.90 13.09
CA LYS A 174 19.61 -6.02 12.12
C LYS A 174 19.66 -7.37 11.41
N THR A 175 18.50 -7.91 11.12
CA THR A 175 18.36 -9.28 10.60
C THR A 175 17.92 -9.25 9.12
N LEU A 176 18.69 -9.93 8.28
CA LEU A 176 18.34 -10.18 6.88
C LEU A 176 17.86 -11.62 6.76
N THR A 177 16.68 -11.82 6.17
CA THR A 177 16.10 -13.13 5.96
C THR A 177 15.89 -13.37 4.46
N ALA A 178 16.17 -14.57 4.01
CA ALA A 178 15.94 -14.98 2.65
C ALA A 178 15.27 -16.33 2.61
N SER A 179 14.20 -16.44 1.81
CA SER A 179 13.51 -17.71 1.62
C SER A 179 13.30 -17.98 0.15
N LEU A 180 13.25 -19.26 -0.18
CA LEU A 180 12.99 -19.70 -1.54
C LEU A 180 11.99 -20.83 -1.49
N VAL A 181 10.97 -20.76 -2.35
CA VAL A 181 9.98 -21.80 -2.48
C VAL A 181 9.87 -22.23 -3.93
N TYR A 182 9.81 -23.56 -4.13
CA TYR A 182 9.41 -24.13 -5.42
C TYR A 182 7.97 -24.67 -5.27
N PRO A 183 6.99 -23.94 -5.76
CA PRO A 183 5.62 -24.41 -5.59
C PRO A 183 5.33 -25.71 -6.31
N SER A 184 6.01 -25.94 -7.43
CA SER A 184 5.82 -27.17 -8.22
C SER A 184 6.10 -28.44 -7.40
N SER A 185 7.13 -28.44 -6.56
CA SER A 185 7.46 -29.60 -5.73
C SER A 185 7.12 -29.48 -4.21
N SER A 186 6.59 -28.35 -3.78
CA SER A 186 6.35 -28.06 -2.37
C SER A 186 7.62 -28.16 -1.51
N THR A 187 8.71 -27.61 -2.05
CA THR A 187 9.98 -27.58 -1.38
C THR A 187 10.25 -26.14 -0.99
N SER A 188 10.91 -25.93 0.14
CA SER A 188 11.26 -24.60 0.60
C SER A 188 12.54 -24.55 1.43
N TYR A 189 13.11 -23.36 1.47
CA TYR A 189 14.38 -23.07 2.15
C TYR A 189 14.30 -21.71 2.80
N ILE A 190 15.06 -21.51 3.87
CA ILE A 190 15.15 -20.23 4.51
C ILE A 190 16.43 -20.11 5.31
N LEU A 191 16.97 -18.91 5.38
CA LEU A 191 18.04 -18.58 6.32
C LEU A 191 17.99 -17.14 6.71
N ASN A 192 18.66 -16.83 7.81
CA ASN A 192 18.81 -15.47 8.20
C ASN A 192 20.11 -15.23 8.96
N ASP A 193 20.53 -13.98 8.97
CA ASP A 193 21.74 -13.60 9.65
C ASP A 193 21.76 -12.11 9.95
N VAL A 194 22.62 -11.74 10.89
CA VAL A 194 22.80 -10.37 11.32
C VAL A 194 23.64 -9.66 10.29
N VAL A 195 23.12 -8.55 9.77
CA VAL A 195 23.87 -7.68 8.87
C VAL A 195 23.49 -6.26 9.27
N ASP A 196 24.45 -5.44 9.68
CA ASP A 196 24.14 -4.07 10.10
C ASP A 196 24.28 -3.14 8.89
N LEU A 197 23.16 -2.85 8.24
CA LEU A 197 23.20 -2.06 7.00
C LEU A 197 23.84 -0.68 7.16
N LYS A 198 23.56 -0.01 8.28
CA LYS A 198 24.14 1.28 8.56
C LYS A 198 25.70 1.25 8.57
N GLN A 199 26.29 0.15 9.04
CA GLN A 199 27.75 0.01 9.07
C GLN A 199 28.32 -0.46 7.78
N ILE A 200 27.54 -1.14 6.94
CA ILE A 200 28.06 -1.77 5.74
C ILE A 200 27.88 -0.93 4.48
N LEU A 201 26.69 -0.32 4.34
CA LEU A 201 26.29 0.32 3.10
C LEU A 201 26.26 1.84 3.22
N PRO A 202 26.37 2.54 2.09
CA PRO A 202 26.15 3.99 2.11
C PRO A 202 24.67 4.30 2.34
N GLU A 203 24.39 5.55 2.66
CA GLU A 203 23.02 6.01 2.93
C GLU A 203 22.03 5.70 1.80
N TYR A 204 22.48 5.87 0.57
CA TYR A 204 21.71 5.48 -0.61
C TYR A 204 22.42 4.37 -1.35
N VAL A 205 21.63 3.43 -1.85
CA VAL A 205 22.12 2.30 -2.65
C VAL A 205 21.25 2.09 -3.86
N ARG A 206 21.75 1.32 -4.83
CA ARG A 206 20.90 0.72 -5.82
C ARG A 206 20.73 -0.75 -5.53
N VAL A 207 19.58 -1.26 -5.93
CA VAL A 207 19.23 -2.65 -5.66
C VAL A 207 18.88 -3.34 -6.98
N GLY A 208 19.16 -4.64 -7.03
CA GLY A 208 18.84 -5.45 -8.19
C GLY A 208 19.46 -6.81 -8.23
N PHE A 209 19.64 -7.30 -9.46
CA PHE A 209 20.05 -8.65 -9.74
C PHE A 209 21.35 -8.70 -10.51
N THR A 210 22.09 -9.78 -10.31
CA THR A 210 23.25 -10.12 -11.12
C THR A 210 23.29 -11.60 -11.35
N ALA A 211 23.89 -12.02 -12.46
CA ALA A 211 24.02 -13.43 -12.73
C ALA A 211 25.16 -13.65 -13.73
N ALA A 212 25.76 -14.83 -13.65
CA ALA A 212 26.88 -15.17 -14.52
C ALA A 212 26.82 -16.65 -14.91
N SER A 213 27.10 -16.94 -16.18
CA SER A 213 27.29 -18.31 -16.61
C SER A 213 28.76 -18.71 -16.41
N GLY A 214 29.06 -19.99 -16.57
CA GLY A 214 30.39 -20.51 -16.29
C GLY A 214 31.47 -20.00 -17.25
N LEU A 215 32.71 -20.06 -16.77
CA LEU A 215 33.87 -19.62 -17.55
C LEU A 215 34.50 -20.72 -18.42
N SER A 216 33.87 -21.89 -18.51
CA SER A 216 34.21 -22.90 -19.51
C SER A 216 32.97 -23.23 -20.32
N LYS A 217 33.17 -23.63 -21.57
CA LYS A 217 32.08 -23.75 -22.54
C LYS A 217 30.98 -24.71 -22.23
N ASP A 218 31.29 -25.73 -21.45
CA ASP A 218 30.30 -26.75 -21.07
C ASP A 218 29.61 -26.46 -19.72
N HIS A 219 29.99 -25.41 -19.01
CA HIS A 219 29.36 -25.08 -17.72
C HIS A 219 28.43 -23.85 -17.88
N VAL A 220 27.25 -24.10 -18.41
CA VAL A 220 26.32 -23.02 -18.76
C VAL A 220 24.93 -23.25 -18.19
N GLU A 221 24.21 -22.15 -18.01
CA GLU A 221 22.79 -22.18 -17.61
C GLU A 221 22.21 -20.78 -17.87
N THR A 222 20.89 -20.72 -18.00
CA THR A 222 20.18 -19.43 -18.07
C THR A 222 19.91 -18.91 -16.65
N HIS A 223 19.70 -17.60 -16.54
CA HIS A 223 19.31 -16.94 -15.29
C HIS A 223 18.27 -15.86 -15.62
N ASP A 224 16.99 -16.20 -15.51
CA ASP A 224 15.91 -15.33 -15.90
C ASP A 224 15.09 -14.90 -14.68
N VAL A 225 14.81 -13.60 -14.59
CA VAL A 225 13.89 -13.06 -13.57
C VAL A 225 12.57 -12.75 -14.21
N LEU A 226 11.51 -13.30 -13.64
CA LEU A 226 10.17 -13.24 -14.20
C LEU A 226 9.31 -12.11 -13.65
N ALA A 227 9.56 -11.69 -12.41
CA ALA A 227 8.69 -10.75 -11.71
C ALA A 227 9.45 -10.26 -10.48
N TRP A 228 9.16 -9.04 -10.06
CA TRP A 228 9.89 -8.42 -8.96
C TRP A 228 9.03 -7.35 -8.27
N THR A 229 8.93 -7.44 -6.92
CA THR A 229 8.34 -6.38 -6.12
C THR A 229 9.37 -5.94 -5.09
N PHE A 230 9.34 -4.65 -4.72
CA PHE A 230 10.25 -4.12 -3.72
C PHE A 230 9.51 -3.06 -2.91
N ASP A 231 9.71 -3.05 -1.60
CA ASP A 231 9.16 -2.01 -0.72
C ASP A 231 10.19 -1.67 0.34
N SER A 232 10.47 -0.40 0.56
CA SER A 232 11.33 0.02 1.67
C SER A 232 10.68 1.16 2.41
N ASP A 233 10.95 1.25 3.71
CA ASP A 233 10.42 2.31 4.53
C ASP A 233 11.47 2.78 5.53
N LEU A 234 11.82 4.05 5.43
CA LEU A 234 12.74 4.72 6.33
C LEU A 234 11.92 5.54 7.28
N PRO A 235 11.83 5.13 8.55
CA PRO A 235 10.90 5.78 9.46
C PRO A 235 11.38 7.14 9.97
N ASP A 236 10.45 7.89 10.57
CA ASP A 236 10.80 9.07 11.36
C ASP A 236 11.53 8.63 12.61
N PRO A 237 12.39 9.51 13.16
CA PRO A 237 13.03 9.19 14.46
C PRO A 237 12.00 9.07 15.58
N SER A 238 12.38 8.39 16.66
CA SER A 238 11.49 8.16 17.83
C SER A 238 11.64 9.37 18.77
N LYS B 1 1.62 -5.98 -15.48
CA LYS B 1 1.22 -4.88 -14.55
C LYS B 1 2.49 -4.30 -13.93
N GLU B 2 2.55 -2.97 -13.82
CA GLU B 2 3.65 -2.29 -13.15
C GLU B 2 3.06 -1.25 -12.23
N THR B 3 3.68 -1.08 -11.06
CA THR B 3 3.36 0.04 -10.19
C THR B 3 4.64 0.70 -9.69
N THR B 4 4.56 2.00 -9.41
CA THR B 4 5.64 2.78 -8.84
C THR B 4 5.04 3.65 -7.77
N SER B 5 5.74 3.78 -6.66
CA SER B 5 5.21 4.52 -5.54
C SER B 5 6.40 5.11 -4.75
N PHE B 6 6.20 6.32 -4.21
CA PHE B 6 7.13 6.89 -3.27
C PHE B 6 6.44 7.88 -2.34
N VAL B 7 6.99 8.06 -1.15
CA VAL B 7 6.51 8.98 -0.13
C VAL B 7 7.76 9.72 0.42
N PHE B 8 7.64 11.05 0.52
CA PHE B 8 8.52 11.88 1.31
C PHE B 8 7.63 12.67 2.26
N THR B 9 7.72 12.47 3.57
CA THR B 9 6.99 13.37 4.50
C THR B 9 7.87 14.57 4.87
N ARG B 10 9.14 14.49 4.51
CA ARG B 10 10.12 15.57 4.56
C ARG B 10 11.30 15.13 3.68
N PHE B 11 12.25 16.02 3.44
CA PHE B 11 13.33 15.77 2.49
C PHE B 11 14.67 15.85 3.22
N SER B 12 15.61 15.03 2.80
CA SER B 12 16.92 14.94 3.41
C SER B 12 17.90 15.78 2.59
N PRO B 13 19.07 16.15 3.18
CA PRO B 13 20.09 16.85 2.39
C PRO B 13 20.69 15.95 1.29
N ASP B 14 21.17 16.51 0.21
CA ASP B 14 21.61 15.66 -0.91
C ASP B 14 20.70 14.41 -1.15
N PRO B 15 19.44 14.66 -1.56
CA PRO B 15 18.52 13.56 -1.89
C PRO B 15 18.88 12.90 -3.22
N GLN B 16 19.59 11.78 -3.14
CA GLN B 16 20.10 11.10 -4.33
C GLN B 16 19.06 10.45 -5.22
N ASN B 17 17.84 10.32 -4.71
CA ASN B 17 16.71 9.86 -5.54
C ASN B 17 15.87 11.00 -6.11
N LEU B 18 16.35 12.23 -5.98
CA LEU B 18 15.77 13.39 -6.66
C LEU B 18 16.84 14.01 -7.55
N LEU B 19 16.43 14.47 -8.71
CA LEU B 19 17.27 15.22 -9.62
C LEU B 19 16.93 16.71 -9.36
N LEU B 20 17.82 17.41 -8.67
CA LEU B 20 17.66 18.81 -8.39
C LEU B 20 18.27 19.63 -9.51
N GLN B 21 17.53 20.62 -10.01
CA GLN B 21 17.96 21.43 -11.15
C GLN B 21 17.83 22.90 -10.78
N GLY B 22 18.68 23.74 -11.37
CA GLY B 22 18.74 25.15 -11.06
C GLY B 22 19.06 25.43 -9.61
N ASP B 23 18.31 26.32 -8.99
CA ASP B 23 18.61 26.81 -7.64
C ASP B 23 18.16 25.96 -6.48
N THR B 24 17.47 24.85 -6.73
CA THR B 24 16.87 24.09 -5.64
C THR B 24 17.86 23.61 -4.57
N VAL B 25 17.51 23.80 -3.31
CA VAL B 25 18.21 23.20 -2.20
C VAL B 25 17.22 22.66 -1.19
N VAL B 26 17.73 21.85 -0.28
CA VAL B 26 16.94 21.37 0.84
C VAL B 26 17.24 22.20 2.06
N THR B 27 16.22 22.69 2.75
CA THR B 27 16.42 23.55 3.92
C THR B 27 16.69 22.70 5.15
N SER B 28 17.12 23.35 6.22
CA SER B 28 17.38 22.64 7.46
C SER B 28 16.10 22.07 8.09
N SER B 29 14.93 22.65 7.75
CA SER B 29 13.65 22.06 8.16
C SER B 29 13.22 20.86 7.30
N GLY B 30 14.00 20.49 6.29
CA GLY B 30 13.69 19.36 5.42
C GLY B 30 12.66 19.69 4.33
N HIS B 31 12.62 20.94 3.89
CA HIS B 31 11.77 21.35 2.80
C HIS B 31 12.58 21.52 1.53
N LEU B 32 11.90 21.33 0.41
CA LEU B 32 12.50 21.54 -0.90
C LEU B 32 12.29 23.02 -1.23
N GLN B 33 13.37 23.79 -1.18
CA GLN B 33 13.32 25.22 -1.45
C GLN B 33 13.67 25.44 -2.89
N LEU B 34 12.65 25.62 -3.73
CA LEU B 34 12.88 25.64 -5.17
C LEU B 34 13.54 26.95 -5.63
N THR B 35 13.17 28.06 -5.02
CA THR B 35 13.77 29.35 -5.37
C THR B 35 14.54 29.94 -4.19
N GLN B 36 15.53 30.74 -4.51
CA GLN B 36 16.60 31.09 -3.58
C GLN B 36 16.12 32.02 -2.51
N VAL B 37 16.66 31.84 -1.32
CA VAL B 37 16.42 32.72 -0.18
C VAL B 37 17.79 33.20 0.32
N LYS B 38 17.94 34.50 0.51
CA LYS B 38 19.17 35.10 1.01
C LYS B 38 18.83 35.99 2.19
N ASP B 39 19.42 35.70 3.35
CA ASP B 39 19.15 36.44 4.59
C ASP B 39 17.65 36.54 4.90
N GLY B 40 16.96 35.42 4.79
CA GLY B 40 15.52 35.35 5.07
C GLY B 40 14.57 35.91 4.02
N GLU B 41 15.09 36.42 2.90
CA GLU B 41 14.28 37.10 1.88
C GLU B 41 14.39 36.37 0.54
N PRO B 42 13.25 36.22 -0.17
CA PRO B 42 13.32 35.57 -1.47
C PRO B 42 14.06 36.40 -2.48
N VAL B 43 14.85 35.74 -3.31
CA VAL B 43 15.69 36.38 -4.30
C VAL B 43 14.95 36.37 -5.65
N TYR B 44 15.06 37.46 -6.39
CA TYR B 44 14.46 37.56 -7.71
C TYR B 44 15.24 36.77 -8.74
N SER B 45 14.63 36.56 -9.90
CA SER B 45 15.23 35.86 -11.01
C SER B 45 15.77 34.46 -10.66
N SER B 46 15.09 33.76 -9.75
CA SER B 46 15.50 32.44 -9.30
C SER B 46 14.59 31.39 -9.94
N LEU B 47 15.17 30.27 -10.32
CA LEU B 47 14.44 29.16 -10.92
C LEU B 47 15.03 27.88 -10.38
N GLY B 48 14.17 26.99 -9.88
CA GLY B 48 14.60 25.67 -9.43
C GLY B 48 13.59 24.60 -9.74
N ARG B 49 14.07 23.39 -9.99
CA ARG B 49 13.22 22.23 -10.25
C ARG B 49 13.70 21.04 -9.42
N ALA B 50 12.84 20.03 -9.31
CA ALA B 50 13.15 18.81 -8.58
C ALA B 50 12.32 17.69 -9.16
N LEU B 51 12.98 16.67 -9.65
CA LEU B 51 12.32 15.54 -10.31
C LEU B 51 12.63 14.26 -9.56
N TYR B 52 11.68 13.33 -9.51
CA TYR B 52 12.00 12.00 -9.03
C TYR B 52 12.97 11.36 -10.00
N TYR B 53 13.96 10.67 -9.45
CA TYR B 53 15.10 10.18 -10.26
C TYR B 53 14.69 9.11 -11.27
N ALA B 54 13.82 8.18 -10.87
CA ALA B 54 13.43 7.12 -11.78
C ALA B 54 12.36 7.62 -12.77
N PRO B 55 12.54 7.30 -14.04
CA PRO B 55 11.46 7.47 -15.00
C PRO B 55 10.21 6.72 -14.57
N ILE B 56 9.06 7.30 -14.89
CA ILE B 56 7.77 6.70 -14.62
C ILE B 56 7.23 6.18 -15.95
N HIS B 57 6.74 4.94 -15.95
CA HIS B 57 6.16 4.32 -17.11
C HIS B 57 4.70 4.73 -17.17
N ILE B 58 4.37 5.69 -18.04
CA ILE B 58 2.98 6.22 -18.06
C ILE B 58 2.10 5.58 -19.15
N TRP B 59 2.71 5.05 -20.20
CA TRP B 59 1.98 4.19 -21.13
C TRP B 59 2.89 3.25 -21.87
N ASP B 60 2.33 2.19 -22.44
CA ASP B 60 3.12 1.12 -23.04
C ASP B 60 2.60 0.80 -24.44
N SER B 61 3.42 1.05 -25.45
CA SER B 61 3.04 0.80 -26.85
C SER B 61 2.93 -0.67 -27.15
N ASN B 62 3.70 -1.49 -26.43
CA ASN B 62 3.70 -2.94 -26.61
C ASN B 62 2.33 -3.57 -26.27
N THR B 63 1.68 -3.10 -25.19
CA THR B 63 0.42 -3.67 -24.70
C THR B 63 -0.80 -2.74 -24.91
N ASP B 64 -0.58 -1.58 -25.52
CA ASP B 64 -1.55 -0.48 -25.60
C ASP B 64 -2.29 -0.15 -24.28
N THR B 65 -1.54 -0.05 -23.20
CA THR B 65 -2.11 0.33 -21.89
C THR B 65 -1.58 1.69 -21.47
N VAL B 66 -2.36 2.35 -20.61
CA VAL B 66 -2.05 3.68 -20.11
C VAL B 66 -2.21 3.67 -18.61
N ALA B 67 -1.30 4.35 -17.93
CA ALA B 67 -1.27 4.31 -16.46
C ALA B 67 -2.26 5.31 -15.82
N ASN B 68 -2.75 4.95 -14.64
CA ASN B 68 -3.32 5.89 -13.72
C ASN B 68 -2.22 6.43 -12.81
N PHE B 69 -2.41 7.63 -12.27
CA PHE B 69 -1.57 8.07 -11.16
C PHE B 69 -2.31 8.98 -10.23
N VAL B 70 -1.82 9.07 -8.98
CA VAL B 70 -2.30 10.07 -8.04
C VAL B 70 -1.03 10.56 -7.32
N THR B 71 -0.91 11.88 -7.23
CA THR B 71 0.18 12.50 -6.46
C THR B 71 -0.41 13.52 -5.50
N SER B 72 0.20 13.59 -4.31
CA SER B 72 -0.22 14.59 -3.34
C SER B 72 1.04 15.33 -2.90
N PHE B 73 0.90 16.59 -2.61
CA PHE B 73 2.02 17.35 -2.05
C PHE B 73 1.52 18.54 -1.28
N SER B 74 2.38 19.06 -0.40
CA SER B 74 2.12 20.27 0.35
C SER B 74 3.14 21.32 -0.04
N PHE B 75 2.70 22.55 -0.28
CA PHE B 75 3.63 23.64 -0.60
C PHE B 75 3.24 24.95 0.06
N VAL B 76 4.22 25.84 0.16
CA VAL B 76 4.04 27.17 0.71
C VAL B 76 4.66 28.18 -0.23
N ILE B 77 3.91 29.25 -0.49
CA ILE B 77 4.42 30.45 -1.17
C ILE B 77 4.31 31.60 -0.16
N ASP B 78 5.44 32.28 0.06
CA ASP B 78 5.53 33.43 0.97
C ASP B 78 6.04 34.64 0.19
N ALA B 79 5.13 35.57 -0.13
CA ALA B 79 5.47 36.78 -0.84
C ALA B 79 5.54 37.92 0.18
N PRO B 80 6.68 38.61 0.30
CA PRO B 80 6.72 39.82 1.18
C PRO B 80 5.60 40.83 0.91
N ASN B 81 5.25 41.01 -0.35
CA ASN B 81 4.12 41.86 -0.77
C ASN B 81 3.22 41.02 -1.68
N LYS B 82 2.08 40.59 -1.17
CA LYS B 82 1.19 39.69 -1.92
C LYS B 82 0.75 40.27 -3.27
N ALA B 83 0.58 41.57 -3.37
CA ALA B 83 0.23 42.20 -4.65
C ALA B 83 1.34 42.12 -5.71
N LYS B 84 2.59 41.92 -5.30
CA LYS B 84 3.72 41.76 -6.23
C LYS B 84 4.30 40.33 -6.18
N ALA B 85 3.43 39.34 -5.95
CA ALA B 85 3.78 37.95 -6.06
C ALA B 85 4.15 37.61 -7.49
N ALA B 86 5.24 36.84 -7.66
CA ALA B 86 5.62 36.25 -8.93
C ALA B 86 6.66 35.16 -8.72
N ASP B 87 6.75 34.14 -9.59
CA ASP B 87 5.82 33.83 -10.71
C ASP B 87 4.96 32.58 -10.49
N GLY B 88 5.42 31.67 -9.66
CA GLY B 88 4.61 30.51 -9.26
C GLY B 88 5.33 29.21 -9.30
N LEU B 89 4.55 28.14 -9.16
CA LEU B 89 5.04 26.80 -8.99
C LEU B 89 4.20 25.88 -9.85
N ALA B 90 4.81 24.82 -10.38
CA ALA B 90 4.05 23.80 -11.09
C ALA B 90 4.53 22.41 -10.77
N PHE B 91 3.58 21.48 -10.83
CA PHE B 91 3.85 20.07 -10.91
C PHE B 91 3.83 19.72 -12.38
N PHE B 92 4.76 18.91 -12.84
CA PHE B 92 4.81 18.55 -14.26
C PHE B 92 5.34 17.16 -14.58
N LEU B 93 5.00 16.73 -15.79
CA LEU B 93 5.51 15.54 -16.43
C LEU B 93 6.19 15.97 -17.73
N ALA B 94 7.33 15.37 -18.02
CA ALA B 94 8.15 15.79 -19.14
C ALA B 94 9.02 14.63 -19.62
N PRO B 95 9.65 14.77 -20.80
CA PRO B 95 10.59 13.71 -21.19
C PRO B 95 11.68 13.47 -20.15
N VAL B 96 12.21 12.26 -20.14
CA VAL B 96 13.17 11.85 -19.12
C VAL B 96 14.39 12.79 -19.03
N ASP B 97 14.87 13.25 -20.18
CA ASP B 97 16.03 14.14 -20.21
C ASP B 97 15.71 15.65 -20.04
N THR B 98 14.51 15.99 -19.57
CA THR B 98 14.10 17.37 -19.40
C THR B 98 15.12 18.22 -18.60
N GLU B 99 15.34 19.43 -19.09
CA GLU B 99 16.24 20.41 -18.47
C GLU B 99 15.47 21.72 -18.23
N PRO B 100 15.89 22.52 -17.26
CA PRO B 100 15.18 23.80 -17.03
C PRO B 100 15.22 24.72 -18.24
N GLN B 101 14.11 25.40 -18.50
CA GLN B 101 14.01 26.32 -19.61
C GLN B 101 14.03 27.75 -19.08
N LYS B 102 13.21 28.64 -19.63
CA LYS B 102 13.27 30.04 -19.26
C LYS B 102 12.66 30.30 -17.88
N PRO B 103 13.21 31.28 -17.15
CA PRO B 103 12.69 31.61 -15.84
C PRO B 103 11.44 32.54 -15.91
N GLY B 104 11.12 33.20 -14.80
CA GLY B 104 10.00 34.10 -14.73
C GLY B 104 8.69 33.42 -15.01
N GLY B 105 7.86 34.07 -15.82
CA GLY B 105 6.51 33.57 -16.14
C GLY B 105 6.45 32.31 -16.95
N LEU B 106 7.56 31.91 -17.55
CA LEU B 106 7.60 30.61 -18.24
C LEU B 106 7.89 29.43 -17.29
N LEU B 107 8.18 29.74 -16.02
CA LEU B 107 8.19 28.78 -14.89
C LEU B 107 9.24 27.69 -15.00
N GLY B 108 10.28 27.91 -15.81
CA GLY B 108 11.25 26.87 -16.09
C GLY B 108 10.78 25.77 -17.00
N LEU B 109 9.57 25.88 -17.55
CA LEU B 109 9.00 24.81 -18.32
C LEU B 109 9.17 24.96 -19.82
N PHE B 110 9.12 26.19 -20.30
CA PHE B 110 9.06 26.47 -21.72
C PHE B 110 10.14 27.47 -22.12
N HIS B 111 10.57 27.37 -23.37
CA HIS B 111 11.58 28.27 -23.94
C HIS B 111 10.94 29.58 -24.41
N ASP B 112 9.64 29.56 -24.74
CA ASP B 112 8.91 30.75 -25.17
C ASP B 112 7.42 30.59 -24.83
N ASP B 113 6.60 31.55 -25.22
CA ASP B 113 5.16 31.56 -24.94
C ASP B 113 4.27 30.92 -26.02
N ARG B 114 4.87 30.14 -26.91
CA ARG B 114 4.14 29.50 -27.99
C ARG B 114 3.83 28.04 -27.67
N HIS B 115 2.88 27.49 -28.41
CA HIS B 115 2.53 26.10 -28.34
C HIS B 115 3.42 25.28 -29.26
N ASN B 116 3.90 24.14 -28.76
CA ASN B 116 4.74 23.25 -29.57
C ASN B 116 4.56 21.82 -29.08
N LYS B 117 3.99 20.96 -29.93
CA LYS B 117 3.78 19.54 -29.63
C LYS B 117 5.04 18.78 -29.22
N SER B 118 6.21 19.25 -29.66
CA SER B 118 7.47 18.60 -29.30
C SER B 118 7.99 18.98 -27.91
N ASN B 119 7.29 19.87 -27.22
CA ASN B 119 7.61 20.12 -25.81
C ASN B 119 7.37 18.86 -24.95
N HIS B 120 6.32 18.12 -25.25
CA HIS B 120 5.89 16.96 -24.44
C HIS B 120 5.81 17.29 -22.95
N ILE B 121 5.09 18.36 -22.61
CA ILE B 121 4.92 18.79 -21.23
C ILE B 121 3.43 18.80 -20.87
N VAL B 122 3.11 18.21 -19.72
CA VAL B 122 1.82 18.36 -19.06
C VAL B 122 2.14 18.91 -17.69
N ALA B 123 1.46 19.99 -17.28
CA ALA B 123 1.74 20.64 -16.01
C ALA B 123 0.45 21.14 -15.37
N VAL B 124 0.49 21.20 -14.05
CA VAL B 124 -0.51 21.91 -13.28
C VAL B 124 0.23 23.05 -12.63
N GLU B 125 -0.16 24.28 -12.99
CA GLU B 125 0.50 25.49 -12.49
C GLU B 125 -0.31 26.19 -11.44
N PHE B 126 0.39 26.79 -10.48
CA PHE B 126 -0.12 27.66 -9.45
C PHE B 126 0.54 28.98 -9.74
N ASP B 127 -0.19 29.82 -10.48
CA ASP B 127 0.38 30.96 -11.21
C ASP B 127 0.02 32.24 -10.47
N THR B 128 1.04 32.89 -9.92
CA THR B 128 0.85 34.01 -9.01
C THR B 128 1.05 35.38 -9.72
N PHE B 129 1.35 35.39 -11.02
CA PHE B 129 1.60 36.64 -11.75
C PHE B 129 0.93 36.65 -13.08
N LYS B 130 0.13 37.69 -13.34
CA LYS B 130 -0.54 37.84 -14.61
C LYS B 130 0.42 38.32 -15.73
N ASN B 131 0.82 37.37 -16.56
CA ASN B 131 1.56 37.65 -17.78
C ASN B 131 0.59 38.05 -18.88
N SER B 132 1.15 38.46 -20.02
CA SER B 132 0.32 38.92 -21.15
C SER B 132 -0.58 37.82 -21.70
N TRP B 133 -0.17 36.57 -21.55
CA TRP B 133 -0.96 35.39 -21.99
C TRP B 133 -1.95 34.84 -20.94
N ASP B 134 -1.98 35.41 -19.75
CA ASP B 134 -2.74 34.85 -18.62
C ASP B 134 -4.14 35.43 -18.48
N PRO B 135 -5.07 34.65 -17.89
CA PRO B 135 -6.33 35.25 -17.45
C PRO B 135 -6.08 36.25 -16.31
N GLU B 136 -7.09 37.05 -15.99
CA GLU B 136 -6.97 38.01 -14.89
C GLU B 136 -6.95 37.28 -13.54
N GLY B 137 -6.06 37.72 -12.66
CA GLY B 137 -5.97 37.20 -11.31
C GLY B 137 -5.15 35.92 -11.24
N THR B 138 -4.70 35.63 -10.02
CA THR B 138 -3.96 34.42 -9.74
C THR B 138 -4.87 33.21 -9.99
N HIS B 139 -4.28 32.13 -10.51
CA HIS B 139 -5.06 31.01 -11.02
C HIS B 139 -4.29 29.71 -10.96
N ILE B 140 -5.05 28.64 -10.98
CA ILE B 140 -4.54 27.28 -11.17
C ILE B 140 -4.83 26.93 -12.62
N GLY B 141 -3.87 26.35 -13.29
CA GLY B 141 -4.04 25.99 -14.70
C GLY B 141 -3.54 24.61 -15.04
N ILE B 142 -4.19 23.99 -16.03
CA ILE B 142 -3.74 22.75 -16.66
C ILE B 142 -3.07 23.19 -17.98
N ASN B 143 -1.81 22.84 -18.13
CA ASN B 143 -1.00 23.23 -19.28
C ASN B 143 -0.63 21.99 -20.07
N VAL B 144 -0.78 22.07 -21.39
CA VAL B 144 -0.38 21.02 -22.29
C VAL B 144 0.44 21.67 -23.41
N ASN B 145 1.75 21.46 -23.39
CA ASN B 145 2.67 21.92 -24.44
C ASN B 145 2.81 23.43 -24.64
N SER B 146 2.33 24.21 -23.67
CA SER B 146 2.36 25.65 -23.73
C SER B 146 2.15 26.24 -22.34
N ILE B 147 2.76 27.42 -22.12
CA ILE B 147 2.46 28.22 -20.93
C ILE B 147 1.03 28.80 -20.92
N VAL B 148 0.38 28.81 -22.09
CA VAL B 148 -0.99 29.29 -22.22
C VAL B 148 -1.90 28.12 -21.87
N SER B 149 -2.43 28.13 -20.65
CA SER B 149 -3.14 26.97 -20.13
C SER B 149 -4.33 26.55 -21.00
N ARG B 150 -4.55 25.25 -21.10
CA ARG B 150 -5.78 24.69 -21.66
C ARG B 150 -7.02 25.09 -20.86
N LYS B 151 -6.89 25.18 -19.54
CA LYS B 151 -8.02 25.45 -18.65
C LYS B 151 -7.48 26.08 -17.39
N THR B 152 -8.18 27.07 -16.85
CA THR B 152 -7.80 27.75 -15.63
C THR B 152 -9.01 27.94 -14.75
N ILE B 153 -8.75 28.05 -13.46
CA ILE B 153 -9.69 28.55 -12.49
C ILE B 153 -9.03 29.56 -11.58
N SER B 154 -9.84 30.47 -11.07
CA SER B 154 -9.38 31.47 -10.16
C SER B 154 -8.94 30.79 -8.84
N TRP B 155 -7.86 31.30 -8.27
CA TRP B 155 -7.31 30.78 -7.00
C TRP B 155 -6.69 31.93 -6.26
N ASP B 156 -7.12 32.17 -5.03
CA ASP B 156 -6.55 33.20 -4.17
C ASP B 156 -5.43 32.60 -3.32
N LEU B 157 -4.23 33.12 -3.54
CA LEU B 157 -3.04 32.73 -2.77
C LEU B 157 -3.24 33.12 -1.33
N GLU B 158 -3.11 32.16 -0.42
CA GLU B 158 -3.07 32.46 1.00
C GLU B 158 -1.63 32.49 1.38
N ASN B 159 -1.18 33.71 1.60
CA ASN B 159 0.24 33.98 1.74
C ASN B 159 0.82 33.30 2.95
N ASP B 160 1.93 32.61 2.74
CA ASP B 160 2.65 31.83 3.77
C ASP B 160 1.82 30.77 4.49
N GLU B 161 0.77 30.25 3.85
CA GLU B 161 -0.03 29.17 4.42
C GLU B 161 0.21 27.88 3.63
N VAL B 162 0.11 26.73 4.29
CA VAL B 162 0.31 25.43 3.64
C VAL B 162 -0.86 25.09 2.74
N ALA B 163 -0.57 24.80 1.49
CA ALA B 163 -1.53 24.28 0.52
C ALA B 163 -1.34 22.78 0.35
N ASN B 164 -2.44 22.03 0.39
CA ASN B 164 -2.42 20.58 0.15
C ASN B 164 -3.03 20.31 -1.21
N VAL B 165 -2.21 19.78 -2.12
CA VAL B 165 -2.59 19.56 -3.51
C VAL B 165 -2.71 18.05 -3.75
N VAL B 166 -3.70 17.67 -4.56
CA VAL B 166 -3.85 16.32 -5.06
C VAL B 166 -4.09 16.41 -6.58
N ILE B 167 -3.27 15.73 -7.33
CA ILE B 167 -3.38 15.68 -8.79
C ILE B 167 -3.52 14.22 -9.17
N SER B 168 -4.54 13.92 -9.98
CA SER B 168 -4.79 12.54 -10.37
C SER B 168 -5.13 12.41 -11.83
N TYR B 169 -4.73 11.28 -12.41
CA TYR B 169 -5.04 10.96 -13.79
C TYR B 169 -5.77 9.65 -13.86
N GLN B 170 -6.95 9.66 -14.49
CA GLN B 170 -7.78 8.47 -14.66
C GLN B 170 -7.71 8.15 -16.15
N ALA B 171 -6.95 7.12 -16.50
CA ALA B 171 -6.71 6.77 -17.91
C ALA B 171 -8.02 6.40 -18.64
N SER B 172 -8.95 5.74 -17.96
CA SER B 172 -10.19 5.27 -18.61
C SER B 172 -11.04 6.42 -19.18
N THR B 173 -10.96 7.59 -18.56
CA THR B 173 -11.70 8.78 -19.00
C THR B 173 -10.78 9.89 -19.52
N LYS B 174 -9.48 9.62 -19.57
CA LYS B 174 -8.47 10.61 -19.98
C LYS B 174 -8.57 11.94 -19.23
N THR B 175 -8.90 11.86 -17.94
CA THR B 175 -9.19 13.00 -17.11
C THR B 175 -8.06 13.28 -16.11
N LEU B 176 -7.53 14.51 -16.16
CA LEU B 176 -6.58 15.02 -15.17
C LEU B 176 -7.33 15.94 -14.25
N THR B 177 -7.21 15.70 -12.93
CA THR B 177 -7.87 16.50 -11.91
C THR B 177 -6.80 17.10 -11.01
N ALA B 178 -6.99 18.37 -10.63
CA ALA B 178 -6.15 19.02 -9.65
C ALA B 178 -7.01 19.71 -8.61
N SER B 179 -6.73 19.45 -7.33
CA SER B 179 -7.37 20.16 -6.26
C SER B 179 -6.34 20.76 -5.30
N LEU B 180 -6.71 21.87 -4.68
CA LEU B 180 -5.90 22.53 -3.69
C LEU B 180 -6.78 22.87 -2.49
N VAL B 181 -6.29 22.57 -1.28
CA VAL B 181 -6.98 22.92 -0.05
C VAL B 181 -6.03 23.68 0.87
N TYR B 182 -6.54 24.74 1.48
CA TYR B 182 -5.86 25.42 2.60
C TYR B 182 -6.59 25.08 3.88
N PRO B 183 -6.05 24.18 4.67
CA PRO B 183 -6.72 23.85 5.93
C PRO B 183 -6.84 25.00 6.90
N SER B 184 -5.87 25.92 6.86
CA SER B 184 -5.87 27.09 7.75
C SER B 184 -7.12 27.97 7.60
N SER B 185 -7.58 28.18 6.35
CA SER B 185 -8.79 28.98 6.11
C SER B 185 -10.05 28.20 5.67
N SER B 186 -9.93 26.88 5.54
CA SER B 186 -11.03 26.05 4.99
C SER B 186 -11.48 26.48 3.60
N THR B 187 -10.52 26.81 2.76
CA THR B 187 -10.77 27.23 1.40
C THR B 187 -10.25 26.13 0.47
N SER B 188 -10.94 25.89 -0.63
CA SER B 188 -10.54 24.83 -1.54
C SER B 188 -10.94 25.10 -3.00
N TYR B 189 -10.21 24.46 -3.90
CA TYR B 189 -10.32 24.68 -5.35
C TYR B 189 -10.14 23.38 -6.07
N ILE B 190 -10.79 23.25 -7.24
CA ILE B 190 -10.64 22.05 -8.03
C ILE B 190 -10.94 22.33 -9.49
N LEU B 191 -10.24 21.65 -10.37
CA LEU B 191 -10.60 21.63 -11.79
C LEU B 191 -10.15 20.36 -12.43
N ASN B 192 -10.78 20.06 -13.56
CA ASN B 192 -10.35 18.91 -14.31
C ASN B 192 -10.59 19.09 -15.80
N ASP B 193 -9.85 18.34 -16.57
CA ASP B 193 -9.98 18.40 -18.02
C ASP B 193 -9.47 17.13 -18.68
N VAL B 194 -9.89 16.95 -19.93
CA VAL B 194 -9.47 15.83 -20.75
C VAL B 194 -8.06 16.14 -21.26
N VAL B 195 -7.12 15.25 -20.96
CA VAL B 195 -5.75 15.35 -21.41
C VAL B 195 -5.34 13.93 -21.76
N ASP B 196 -5.00 13.68 -23.00
CA ASP B 196 -4.72 12.31 -23.44
C ASP B 196 -3.22 12.08 -23.36
N LEU B 197 -2.77 11.49 -22.24
CA LEU B 197 -1.34 11.33 -21.99
C LEU B 197 -0.63 10.52 -23.06
N LYS B 198 -1.29 9.48 -23.55
CA LYS B 198 -0.72 8.66 -24.61
C LYS B 198 -0.39 9.46 -25.87
N GLN B 199 -1.19 10.47 -26.20
CA GLN B 199 -0.94 11.32 -27.37
C GLN B 199 0.03 12.43 -27.11
N ILE B 200 0.20 12.84 -25.86
CA ILE B 200 1.00 14.02 -25.54
C ILE B 200 2.44 13.68 -25.12
N LEU B 201 2.57 12.64 -24.30
CA LEU B 201 3.84 12.35 -23.61
C LEU B 201 4.50 11.09 -24.17
N PRO B 202 5.82 10.99 -24.00
CA PRO B 202 6.48 9.72 -24.31
C PRO B 202 6.10 8.64 -23.31
N GLU B 203 6.41 7.39 -23.66
CA GLU B 203 6.08 6.25 -22.79
C GLU B 203 6.63 6.35 -21.36
N TYR B 204 7.85 6.86 -21.26
CA TYR B 204 8.45 7.16 -19.95
C TYR B 204 8.68 8.64 -19.83
N VAL B 205 8.42 9.15 -18.62
CA VAL B 205 8.61 10.56 -18.29
C VAL B 205 9.32 10.70 -16.96
N ARG B 206 9.83 11.89 -16.68
CA ARG B 206 10.10 12.25 -15.28
C ARG B 206 9.03 13.19 -14.78
N VAL B 207 8.79 13.09 -13.47
CA VAL B 207 7.78 13.91 -12.82
C VAL B 207 8.42 14.72 -11.69
N GLY B 208 7.86 15.89 -11.43
CA GLY B 208 8.30 16.74 -10.34
C GLY B 208 7.79 18.14 -10.34
N PHE B 209 8.58 19.04 -9.75
CA PHE B 209 8.21 20.40 -9.47
C PHE B 209 9.14 21.37 -10.15
N THR B 210 8.60 22.54 -10.45
CA THR B 210 9.38 23.70 -10.89
C THR B 210 8.78 24.96 -10.30
N ALA B 211 9.63 25.95 -10.08
CA ALA B 211 9.15 27.23 -9.59
C ALA B 211 10.11 28.34 -9.95
N ALA B 212 9.59 29.55 -10.04
CA ALA B 212 10.39 30.71 -10.44
C ALA B 212 9.92 31.96 -9.71
N SER B 213 10.86 32.78 -9.23
CA SER B 213 10.53 34.09 -8.71
C SER B 213 10.51 35.12 -9.82
N GLY B 214 10.00 36.32 -9.52
CA GLY B 214 9.82 37.33 -10.56
C GLY B 214 11.12 37.88 -11.10
N LEU B 215 11.02 38.44 -12.30
CA LEU B 215 12.18 38.99 -13.01
C LEU B 215 12.43 40.47 -12.73
N SER B 216 11.73 41.05 -11.75
CA SER B 216 12.09 42.36 -11.17
C SER B 216 12.25 42.20 -9.68
N LYS B 217 13.10 43.04 -9.09
CA LYS B 217 13.51 42.86 -7.69
C LYS B 217 12.40 43.01 -6.68
N ASP B 218 11.30 43.71 -7.01
CA ASP B 218 10.20 43.83 -6.08
C ASP B 218 9.09 42.76 -6.25
N HIS B 219 9.21 41.89 -7.26
CA HIS B 219 8.23 40.84 -7.50
C HIS B 219 8.81 39.46 -7.10
N VAL B 220 8.85 39.21 -5.80
CA VAL B 220 9.51 38.03 -5.28
C VAL B 220 8.60 37.22 -4.34
N GLU B 221 8.87 35.93 -4.24
CA GLU B 221 8.22 35.05 -3.30
C GLU B 221 9.03 33.75 -3.19
N THR B 222 8.88 33.04 -2.09
CA THR B 222 9.43 31.70 -1.91
C THR B 222 8.47 30.66 -2.55
N HIS B 223 9.03 29.50 -2.86
CA HIS B 223 8.27 28.35 -3.36
C HIS B 223 8.85 27.08 -2.74
N ASP B 224 8.28 26.64 -1.63
CA ASP B 224 8.79 25.53 -0.87
C ASP B 224 7.82 24.34 -0.92
N VAL B 225 8.34 23.16 -1.19
CA VAL B 225 7.56 21.91 -1.13
C VAL B 225 7.93 21.17 0.14
N LEU B 226 6.92 20.84 0.93
CA LEU B 226 7.09 20.26 2.25
C LEU B 226 7.04 18.75 2.30
N ALA B 227 6.30 18.15 1.38
CA ALA B 227 6.02 16.72 1.41
C ALA B 227 5.48 16.34 0.04
N TRP B 228 5.65 15.08 -0.35
CA TRP B 228 5.25 14.60 -1.66
C TRP B 228 5.03 13.10 -1.64
N THR B 229 3.87 12.63 -2.13
CA THR B 229 3.63 11.21 -2.39
C THR B 229 3.23 11.06 -3.84
N PHE B 230 3.60 9.92 -4.44
CA PHE B 230 3.24 9.61 -5.82
C PHE B 230 2.93 8.12 -5.91
N ASP B 231 1.90 7.76 -6.66
CA ASP B 231 1.57 6.35 -6.93
C ASP B 231 1.08 6.24 -8.36
N SER B 232 1.61 5.30 -9.12
CA SER B 232 1.13 5.06 -10.48
C SER B 232 0.93 3.58 -10.67
N ASP B 233 -0.01 3.21 -11.54
CA ASP B 233 -0.28 1.84 -11.87
C ASP B 233 -0.58 1.70 -13.37
N LEU B 234 0.22 0.85 -14.01
CA LEU B 234 0.07 0.55 -15.44
C LEU B 234 -0.53 -0.85 -15.48
N PRO B 235 -1.81 -0.96 -15.85
CA PRO B 235 -2.47 -2.27 -15.83
C PRO B 235 -2.05 -3.22 -16.96
N ASP B 236 -2.41 -4.49 -16.78
CA ASP B 236 -2.31 -5.48 -17.83
C ASP B 236 -3.33 -5.16 -18.92
N PRO B 237 -3.08 -5.57 -20.17
CA PRO B 237 -4.10 -5.41 -21.21
C PRO B 237 -5.37 -6.22 -20.93
N SER B 238 -6.47 -5.81 -21.55
CA SER B 238 -7.78 -6.48 -21.37
C SER B 238 -7.95 -7.79 -22.17
N LYS C 1 1.00 1.84 16.13
CA LYS C 1 0.47 2.19 14.81
C LYS C 1 -0.57 1.17 14.35
N GLU C 2 -1.68 1.64 13.81
CA GLU C 2 -2.71 0.76 13.25
C GLU C 2 -3.12 1.30 11.89
N THR C 3 -3.36 0.41 10.94
CA THR C 3 -3.94 0.80 9.67
C THR C 3 -5.06 -0.17 9.29
N THR C 4 -6.02 0.34 8.52
CA THR C 4 -7.10 -0.45 7.98
C THR C 4 -7.28 0.00 6.54
N SER C 5 -7.50 -0.97 5.65
CA SER C 5 -7.62 -0.65 4.25
C SER C 5 -8.55 -1.68 3.58
N PHE C 6 -9.35 -1.22 2.63
CA PHE C 6 -10.10 -2.13 1.77
C PHE C 6 -10.38 -1.49 0.42
N VAL C 7 -10.56 -2.35 -0.60
CA VAL C 7 -10.89 -1.93 -1.96
C VAL C 7 -12.01 -2.85 -2.46
N PHE C 8 -13.04 -2.23 -3.04
CA PHE C 8 -14.01 -2.93 -3.88
C PHE C 8 -14.04 -2.19 -5.21
N THR C 9 -13.67 -2.82 -6.31
CA THR C 9 -13.86 -2.19 -7.64
C THR C 9 -15.25 -2.54 -8.21
N ARG C 10 -15.89 -3.50 -7.57
CA ARG C 10 -17.31 -3.83 -7.74
C ARG C 10 -17.71 -4.68 -6.54
N PHE C 11 -18.98 -5.02 -6.40
CA PHE C 11 -19.47 -5.71 -5.22
C PHE C 11 -20.04 -7.06 -5.63
N SER C 12 -19.81 -8.07 -4.80
CA SER C 12 -20.28 -9.43 -5.08
C SER C 12 -21.68 -9.64 -4.45
N PRO C 13 -22.44 -10.62 -4.98
CA PRO C 13 -23.86 -10.69 -4.60
C PRO C 13 -24.18 -10.88 -3.14
N ASP C 14 -23.36 -11.51 -2.32
CA ASP C 14 -23.72 -11.61 -0.90
C ASP C 14 -22.52 -11.12 -0.06
N PRO C 15 -22.34 -9.79 0.04
CA PRO C 15 -21.06 -9.27 0.59
C PRO C 15 -21.07 -9.35 2.12
N GLN C 16 -20.51 -10.43 2.65
CA GLN C 16 -20.56 -10.70 4.07
C GLN C 16 -19.67 -9.80 4.92
N ASN C 17 -18.77 -9.05 4.27
CA ASN C 17 -18.00 -8.03 4.97
C ASN C 17 -18.60 -6.60 4.88
N LEU C 18 -19.83 -6.52 4.38
CA LEU C 18 -20.65 -5.32 4.46
C LEU C 18 -21.88 -5.63 5.28
N LEU C 19 -22.28 -4.66 6.08
CA LEU C 19 -23.51 -4.72 6.85
C LEU C 19 -24.53 -3.91 6.06
N LEU C 20 -25.46 -4.61 5.39
CA LEU C 20 -26.49 -3.98 4.60
C LEU C 20 -27.69 -3.72 5.47
N GLN C 21 -28.23 -2.52 5.41
CA GLN C 21 -29.36 -2.10 6.26
C GLN C 21 -30.45 -1.53 5.38
N GLY C 22 -31.70 -1.71 5.80
CA GLY C 22 -32.85 -1.25 5.01
C GLY C 22 -32.94 -1.94 3.66
N ASP C 23 -33.18 -1.17 2.62
CA ASP C 23 -33.50 -1.71 1.29
C ASP C 23 -32.31 -2.10 0.42
N THR C 24 -31.08 -1.91 0.89
CA THR C 24 -29.93 -2.13 0.05
C THR C 24 -29.82 -3.55 -0.52
N VAL C 25 -29.53 -3.65 -1.82
CA VAL C 25 -29.16 -4.90 -2.44
C VAL C 25 -27.96 -4.72 -3.34
N VAL C 26 -27.33 -5.82 -3.71
CA VAL C 26 -26.32 -5.80 -4.74
C VAL C 26 -26.95 -6.22 -6.07
N THR C 27 -26.72 -5.44 -7.11
CA THR C 27 -27.31 -5.72 -8.42
C THR C 27 -26.49 -6.76 -9.16
N SER C 28 -27.04 -7.28 -10.24
CA SER C 28 -26.31 -8.27 -11.04
C SER C 28 -25.09 -7.63 -11.74
N SER C 29 -25.09 -6.31 -11.92
CA SER C 29 -23.90 -5.60 -12.42
C SER C 29 -22.81 -5.37 -11.33
N GLY C 30 -23.09 -5.79 -10.09
CA GLY C 30 -22.14 -5.61 -8.99
C GLY C 30 -22.12 -4.22 -8.37
N HIS C 31 -23.27 -3.53 -8.41
CA HIS C 31 -23.41 -2.23 -7.79
C HIS C 31 -24.18 -2.36 -6.48
N LEU C 32 -23.87 -1.46 -5.57
CA LEU C 32 -24.60 -1.35 -4.31
C LEU C 32 -25.79 -0.43 -4.57
N GLN C 33 -26.98 -1.03 -4.62
CA GLN C 33 -28.19 -0.29 -4.96
C GLN C 33 -28.85 0.06 -3.65
N LEU C 34 -28.66 1.29 -3.18
CA LEU C 34 -29.07 1.66 -1.84
C LEU C 34 -30.58 1.84 -1.73
N THR C 35 -31.20 2.39 -2.76
CA THR C 35 -32.67 2.56 -2.79
C THR C 35 -33.28 1.70 -3.88
N GLN C 36 -34.51 1.28 -3.63
CA GLN C 36 -35.15 0.19 -4.35
C GLN C 36 -35.46 0.61 -5.78
N VAL C 37 -35.32 -0.35 -6.67
CA VAL C 37 -35.69 -0.22 -8.07
C VAL C 37 -36.62 -1.41 -8.36
N LYS C 38 -37.77 -1.11 -8.96
CA LYS C 38 -38.75 -2.12 -9.32
C LYS C 38 -39.08 -1.96 -10.80
N ASP C 39 -38.82 -3.00 -11.58
CA ASP C 39 -39.05 -3.00 -13.04
C ASP C 39 -38.39 -1.80 -13.72
N GLY C 40 -37.12 -1.58 -13.38
CA GLY C 40 -36.33 -0.49 -13.98
C GLY C 40 -36.59 0.92 -13.45
N GLU C 41 -37.54 1.09 -12.52
CA GLU C 41 -37.92 2.42 -12.03
C GLU C 41 -37.65 2.57 -10.53
N PRO C 42 -37.11 3.73 -10.12
CA PRO C 42 -36.85 3.91 -8.68
C PRO C 42 -38.12 4.03 -7.89
N VAL C 43 -38.14 3.43 -6.72
CA VAL C 43 -39.31 3.35 -5.86
C VAL C 43 -39.21 4.44 -4.80
N TYR C 44 -40.33 5.07 -4.50
CA TYR C 44 -40.39 6.11 -3.48
C TYR C 44 -40.34 5.50 -2.07
N SER C 45 -40.10 6.36 -1.09
CA SER C 45 -40.06 5.99 0.32
C SER C 45 -39.07 4.88 0.62
N SER C 46 -37.94 4.84 -0.10
CA SER C 46 -36.94 3.80 0.07
C SER C 46 -35.75 4.38 0.84
N LEU C 47 -35.18 3.58 1.73
CA LEU C 47 -34.00 3.95 2.50
C LEU C 47 -33.11 2.72 2.60
N GLY C 48 -31.83 2.88 2.25
CA GLY C 48 -30.86 1.82 2.42
C GLY C 48 -29.50 2.32 2.84
N ARG C 49 -28.79 1.51 3.61
CA ARG C 49 -27.44 1.83 4.05
C ARG C 49 -26.52 0.62 3.83
N ALA C 50 -25.22 0.86 3.91
CA ALA C 50 -24.23 -0.18 3.73
C ALA C 50 -22.97 0.26 4.45
N LEU C 51 -22.54 -0.54 5.42
CA LEU C 51 -21.40 -0.21 6.27
C LEU C 51 -20.33 -1.27 6.11
N TYR C 52 -19.06 -0.88 6.18
CA TYR C 52 -18.01 -1.88 6.27
C TYR C 52 -18.15 -2.60 7.61
N TYR C 53 -17.95 -3.91 7.58
CA TYR C 53 -18.23 -4.74 8.75
C TYR C 53 -17.33 -4.42 9.96
N ALA C 54 -16.05 -4.24 9.73
CA ALA C 54 -15.12 -3.98 10.83
C ALA C 54 -15.19 -2.52 11.28
N PRO C 55 -15.29 -2.30 12.59
CA PRO C 55 -15.07 -0.98 13.12
C PRO C 55 -13.71 -0.42 12.71
N ILE C 56 -13.66 0.89 12.54
CA ILE C 56 -12.46 1.62 12.23
C ILE C 56 -12.00 2.34 13.50
N HIS C 57 -10.73 2.21 13.83
CA HIS C 57 -10.15 2.88 14.97
C HIS C 57 -9.74 4.28 14.54
N ILE C 58 -10.55 5.28 14.90
CA ILE C 58 -10.27 6.65 14.42
C ILE C 58 -9.51 7.52 15.41
N TRP C 59 -9.57 7.20 16.70
CA TRP C 59 -8.68 7.82 17.68
C TRP C 59 -8.51 6.94 18.89
N ASP C 60 -7.44 7.19 19.65
CA ASP C 60 -7.08 6.33 20.76
C ASP C 60 -6.82 7.15 22.01
N SER C 61 -7.64 6.97 23.05
CA SER C 61 -7.51 7.71 24.30
C SER C 61 -6.28 7.30 25.08
N ASN C 62 -5.86 6.05 24.91
CA ASN C 62 -4.68 5.52 25.58
C ASN C 62 -3.38 6.27 25.16
N THR C 63 -3.24 6.57 23.86
CA THR C 63 -2.02 7.20 23.32
C THR C 63 -2.22 8.66 22.89
N ASP C 64 -3.43 9.21 23.09
CA ASP C 64 -3.85 10.51 22.55
C ASP C 64 -3.50 10.75 21.06
N THR C 65 -3.77 9.77 20.21
CA THR C 65 -3.54 9.90 18.77
C THR C 65 -4.87 9.88 18.02
N VAL C 66 -4.84 10.47 16.83
CA VAL C 66 -6.01 10.58 15.97
C VAL C 66 -5.63 10.15 14.58
N ALA C 67 -6.52 9.41 13.93
CA ALA C 67 -6.25 8.84 12.62
C ALA C 67 -6.43 9.82 11.45
N ASN C 68 -5.66 9.63 10.39
CA ASN C 68 -6.00 10.15 9.09
C ASN C 68 -6.83 9.12 8.34
N PHE C 69 -7.66 9.57 7.41
CA PHE C 69 -8.23 8.61 6.46
C PHE C 69 -8.46 9.26 5.10
N VAL C 70 -8.51 8.42 4.08
CA VAL C 70 -8.91 8.84 2.75
C VAL C 70 -9.82 7.74 2.21
N THR C 71 -10.98 8.14 1.68
CA THR C 71 -11.88 7.21 1.03
C THR C 71 -12.26 7.75 -0.36
N SER C 72 -12.41 6.84 -1.31
CA SER C 72 -12.85 7.22 -2.64
C SER C 72 -13.99 6.31 -3.01
N PHE C 73 -14.92 6.84 -3.76
CA PHE C 73 -16.01 6.02 -4.27
C PHE C 73 -16.62 6.64 -5.51
N SER C 74 -17.30 5.81 -6.28
CA SER C 74 -18.02 6.24 -7.47
C SER C 74 -19.51 5.96 -7.25
N PHE C 75 -20.34 6.94 -7.60
CA PHE C 75 -21.79 6.74 -7.49
C PHE C 75 -22.54 7.33 -8.68
N VAL C 76 -23.76 6.83 -8.87
CA VAL C 76 -24.66 7.33 -9.88
C VAL C 76 -26.02 7.59 -9.22
N ILE C 77 -26.56 8.78 -9.51
CA ILE C 77 -27.95 9.12 -9.23
C ILE C 77 -28.64 9.32 -10.59
N ASP C 78 -29.73 8.58 -10.79
CA ASP C 78 -30.53 8.66 -12.00
C ASP C 78 -31.97 9.02 -11.59
N ALA C 79 -32.36 10.27 -11.85
CA ALA C 79 -33.71 10.75 -11.58
C ALA C 79 -34.48 10.74 -12.92
N PRO C 80 -35.57 9.97 -13.02
CA PRO C 80 -36.38 10.03 -14.28
C PRO C 80 -36.81 11.47 -14.66
N ASN C 81 -37.12 12.28 -13.64
CA ASN C 81 -37.44 13.68 -13.80
C ASN C 81 -36.55 14.49 -12.87
N LYS C 82 -35.56 15.16 -13.47
CA LYS C 82 -34.55 15.88 -12.70
C LYS C 82 -35.14 16.96 -11.79
N ALA C 83 -36.24 17.60 -12.23
CA ALA C 83 -36.90 18.60 -11.41
C ALA C 83 -37.56 18.04 -10.14
N LYS C 84 -37.85 16.75 -10.10
CA LYS C 84 -38.40 16.10 -8.91
C LYS C 84 -37.43 15.10 -8.27
N ALA C 85 -36.15 15.41 -8.31
CA ALA C 85 -35.14 14.57 -7.65
C ALA C 85 -35.32 14.60 -6.11
N ALA C 86 -35.22 13.44 -5.47
CA ALA C 86 -35.14 13.38 -3.99
C ALA C 86 -34.67 12.00 -3.54
N ASP C 87 -34.04 11.84 -2.37
CA ASP C 87 -33.53 12.91 -1.46
C ASP C 87 -32.00 13.06 -1.44
N GLY C 88 -31.29 11.98 -1.76
CA GLY C 88 -29.84 12.05 -1.88
C GLY C 88 -29.12 10.91 -1.20
N LEU C 89 -27.80 11.06 -1.10
CA LEU C 89 -26.89 10.03 -0.66
C LEU C 89 -25.87 10.67 0.26
N ALA C 90 -25.37 9.91 1.23
CA ALA C 90 -24.26 10.38 2.06
C ALA C 90 -23.26 9.29 2.37
N PHE C 91 -22.01 9.71 2.54
CA PHE C 91 -20.99 8.93 3.17
C PHE C 91 -20.96 9.37 4.61
N PHE C 92 -20.85 8.44 5.54
CA PHE C 92 -20.84 8.79 6.96
C PHE C 92 -20.02 7.90 7.85
N LEU C 93 -19.72 8.46 9.04
CA LEU C 93 -19.10 7.77 10.14
C LEU C 93 -20.05 7.87 11.33
N ALA C 94 -20.19 6.79 12.07
CA ALA C 94 -21.16 6.72 13.14
C ALA C 94 -20.73 5.70 14.18
N PRO C 95 -21.40 5.68 15.35
CA PRO C 95 -21.06 4.62 16.31
C PRO C 95 -21.24 3.22 15.71
N VAL C 96 -20.49 2.28 16.26
CA VAL C 96 -20.43 0.93 15.72
C VAL C 96 -21.82 0.26 15.59
N ASP C 97 -22.69 0.50 16.58
CA ASP C 97 -24.03 -0.06 16.59
C ASP C 97 -25.10 0.76 15.82
N THR C 98 -24.67 1.70 14.98
CA THR C 98 -25.59 2.54 14.22
C THR C 98 -26.65 1.76 13.45
N GLU C 99 -27.89 2.27 13.52
CA GLU C 99 -29.04 1.71 12.82
C GLU C 99 -29.69 2.80 11.98
N PRO C 100 -30.40 2.43 10.90
CA PRO C 100 -31.06 3.46 10.09
C PRO C 100 -32.08 4.27 10.86
N GLN C 101 -32.13 5.56 10.59
CA GLN C 101 -33.06 6.46 11.26
C GLN C 101 -34.17 6.84 10.26
N LYS C 102 -34.60 8.10 10.23
CA LYS C 102 -35.75 8.49 9.44
C LYS C 102 -35.41 8.56 7.95
N PRO C 103 -36.36 8.22 7.09
CA PRO C 103 -36.16 8.28 5.65
C PRO C 103 -36.32 9.72 5.09
N GLY C 104 -36.49 9.83 3.77
CA GLY C 104 -36.68 11.10 3.11
C GLY C 104 -35.47 12.02 3.29
N GLY C 105 -35.73 13.28 3.58
CA GLY C 105 -34.72 14.31 3.73
C GLY C 105 -33.77 14.17 4.92
N LEU C 106 -34.10 13.29 5.86
CA LEU C 106 -33.17 13.00 6.95
C LEU C 106 -32.15 11.91 6.57
N LEU C 107 -32.31 11.32 5.38
CA LEU C 107 -31.29 10.50 4.71
C LEU C 107 -30.92 9.21 5.43
N GLY C 108 -31.80 8.75 6.33
CA GLY C 108 -31.48 7.62 7.19
C GLY C 108 -30.48 7.88 8.29
N LEU C 109 -30.07 9.12 8.45
CA LEU C 109 -29.00 9.46 9.39
C LEU C 109 -29.49 9.95 10.74
N PHE C 110 -30.58 10.69 10.73
CA PHE C 110 -31.03 11.40 11.92
C PHE C 110 -32.51 11.08 12.18
N HIS C 111 -32.90 11.15 13.44
CA HIS C 111 -34.31 10.91 13.81
C HIS C 111 -35.13 12.17 13.70
N ASP C 112 -34.50 13.35 13.68
CA ASP C 112 -35.20 14.63 13.49
C ASP C 112 -34.25 15.65 12.88
N ASP C 113 -34.71 16.90 12.71
CA ASP C 113 -33.93 17.99 12.11
C ASP C 113 -33.12 18.84 13.11
N ARG C 114 -32.95 18.34 14.33
CA ARG C 114 -32.25 19.09 15.36
C ARG C 114 -30.80 18.62 15.48
N HIS C 115 -30.00 19.46 16.12
CA HIS C 115 -28.63 19.13 16.45
C HIS C 115 -28.58 18.39 17.78
N ASN C 116 -27.79 17.33 17.83
CA ASN C 116 -27.62 16.57 19.06
C ASN C 116 -26.21 15.97 19.08
N LYS C 117 -25.39 16.42 20.03
CA LYS C 117 -24.01 15.96 20.14
C LYS C 117 -23.88 14.44 20.38
N SER C 118 -24.93 13.83 20.95
CA SER C 118 -24.94 12.39 21.19
C SER C 118 -25.29 11.56 19.95
N ASN C 119 -25.56 12.20 18.81
CA ASN C 119 -25.68 11.46 17.56
C ASN C 119 -24.36 10.82 17.16
N HIS C 120 -23.24 11.51 17.42
CA HIS C 120 -21.91 11.08 17.00
C HIS C 120 -21.87 10.71 15.51
N ILE C 121 -22.33 11.62 14.67
CA ILE C 121 -22.36 11.42 13.21
C ILE C 121 -21.56 12.51 12.53
N VAL C 122 -20.69 12.09 11.62
CA VAL C 122 -20.07 13.00 10.64
C VAL C 122 -20.43 12.44 9.28
N ALA C 123 -20.93 13.28 8.39
CA ALA C 123 -21.35 12.85 7.06
C ALA C 123 -21.02 13.88 6.00
N VAL C 124 -20.84 13.37 4.79
CA VAL C 124 -20.75 14.19 3.60
C VAL C 124 -21.98 13.82 2.77
N GLU C 125 -22.87 14.79 2.56
CA GLU C 125 -24.15 14.55 1.89
C GLU C 125 -24.13 15.12 0.46
N PHE C 126 -24.83 14.42 -0.42
CA PHE C 126 -25.09 14.79 -1.78
C PHE C 126 -26.59 14.91 -1.87
N ASP C 127 -27.08 16.13 -1.71
CA ASP C 127 -28.47 16.43 -1.32
C ASP C 127 -29.21 16.98 -2.52
N THR C 128 -30.17 16.21 -3.01
CA THR C 128 -30.89 16.50 -4.26
C THR C 128 -32.27 17.17 -4.03
N PHE C 129 -32.67 17.41 -2.78
CA PHE C 129 -34.01 17.95 -2.50
C PHE C 129 -33.95 19.03 -1.44
N LYS C 130 -34.51 20.19 -1.75
CA LYS C 130 -34.51 21.30 -0.80
C LYS C 130 -35.56 21.15 0.30
N ASN C 131 -35.09 20.76 1.48
CA ASN C 131 -35.90 20.75 2.68
C ASN C 131 -35.91 22.14 3.30
N SER C 132 -36.70 22.32 4.35
CA SER C 132 -36.86 23.64 5.00
C SER C 132 -35.55 24.15 5.62
N TRP C 133 -34.68 23.22 6.02
CA TRP C 133 -33.37 23.53 6.60
C TRP C 133 -32.22 23.70 5.55
N ASP C 134 -32.52 23.49 4.27
CA ASP C 134 -31.50 23.43 3.23
C ASP C 134 -31.26 24.78 2.55
N PRO C 135 -30.03 24.99 2.04
CA PRO C 135 -29.82 26.10 1.12
C PRO C 135 -30.58 25.88 -0.19
N GLU C 136 -30.68 26.91 -1.01
CA GLU C 136 -31.31 26.79 -2.33
C GLU C 136 -30.45 25.95 -3.24
N GLY C 137 -31.09 25.06 -4.00
CA GLY C 137 -30.41 24.28 -5.03
C GLY C 137 -29.76 23.03 -4.46
N THR C 138 -29.50 22.07 -5.34
CA THR C 138 -28.82 20.83 -4.99
C THR C 138 -27.40 21.18 -4.51
N HIS C 139 -26.92 20.45 -3.52
CA HIS C 139 -25.69 20.83 -2.81
C HIS C 139 -24.98 19.66 -2.19
N ILE C 140 -23.70 19.85 -1.97
CA ILE C 140 -22.88 18.94 -1.18
C ILE C 140 -22.72 19.61 0.17
N GLY C 141 -22.83 18.83 1.24
CA GLY C 141 -22.67 19.36 2.58
C GLY C 141 -21.80 18.51 3.49
N ILE C 142 -21.15 19.16 4.45
CA ILE C 142 -20.50 18.52 5.57
C ILE C 142 -21.45 18.65 6.77
N ASN C 143 -21.83 17.50 7.32
CA ASN C 143 -22.79 17.43 8.43
C ASN C 143 -22.08 16.91 9.65
N VAL C 144 -22.30 17.57 10.79
CA VAL C 144 -21.76 17.13 12.06
C VAL C 144 -22.92 17.16 13.05
N ASN C 145 -23.42 15.97 13.39
CA ASN C 145 -24.48 15.79 14.41
C ASN C 145 -25.85 16.38 14.09
N SER C 146 -26.05 16.76 12.84
CA SER C 146 -27.30 17.35 12.39
C SER C 146 -27.46 17.24 10.89
N ILE C 147 -28.71 17.14 10.43
CA ILE C 147 -29.04 17.29 9.01
C ILE C 147 -28.80 18.70 8.46
N VAL C 148 -28.69 19.69 9.36
CA VAL C 148 -28.43 21.07 8.97
C VAL C 148 -26.92 21.20 8.83
N SER C 149 -26.44 21.18 7.59
CA SER C 149 -25.01 21.09 7.33
C SER C 149 -24.23 22.24 7.97
N ARG C 150 -23.04 21.92 8.48
CA ARG C 150 -22.07 22.93 8.93
C ARG C 150 -21.61 23.82 7.77
N LYS C 151 -21.50 23.25 6.57
CA LYS C 151 -21.04 23.97 5.40
C LYS C 151 -21.60 23.28 4.16
N THR C 152 -21.99 24.07 3.16
CA THR C 152 -22.49 23.55 1.90
C THR C 152 -21.87 24.28 0.75
N ILE C 153 -21.84 23.61 -0.41
CA ILE C 153 -21.58 24.22 -1.67
C ILE C 153 -22.58 23.76 -2.70
N SER C 154 -22.79 24.61 -3.69
CA SER C 154 -23.67 24.28 -4.77
C SER C 154 -23.07 23.13 -5.60
N TRP C 155 -23.92 22.22 -6.06
CA TRP C 155 -23.51 21.07 -6.85
C TRP C 155 -24.61 20.77 -7.86
N ASP C 156 -24.23 20.81 -9.15
CA ASP C 156 -25.13 20.48 -10.23
C ASP C 156 -25.09 18.99 -10.58
N LEU C 157 -26.20 18.33 -10.42
CA LEU C 157 -26.33 16.93 -10.78
C LEU C 157 -26.15 16.71 -12.25
N GLU C 158 -25.25 15.83 -12.64
CA GLU C 158 -25.24 15.28 -14.01
C GLU C 158 -25.96 13.97 -13.95
N ASN C 159 -27.20 13.98 -14.41
CA ASN C 159 -28.09 12.85 -14.25
C ASN C 159 -27.56 11.60 -14.92
N ASP C 160 -27.56 10.50 -14.17
CA ASP C 160 -27.13 9.19 -14.66
C ASP C 160 -25.66 9.14 -15.16
N GLU C 161 -24.81 10.06 -14.69
CA GLU C 161 -23.39 10.04 -15.01
C GLU C 161 -22.63 9.65 -13.70
N VAL C 162 -21.47 9.03 -13.89
CA VAL C 162 -20.66 8.58 -12.76
C VAL C 162 -19.98 9.77 -12.09
N ALA C 163 -20.18 9.89 -10.79
CA ALA C 163 -19.46 10.84 -9.96
C ALA C 163 -18.35 10.15 -9.19
N ASN C 164 -17.16 10.75 -9.20
CA ASN C 164 -16.01 10.18 -8.48
C ASN C 164 -15.72 11.09 -7.29
N VAL C 165 -15.90 10.56 -6.08
CA VAL C 165 -15.78 11.30 -4.84
C VAL C 165 -14.52 10.86 -4.11
N VAL C 166 -13.84 11.83 -3.49
CA VAL C 166 -12.73 11.59 -2.57
C VAL C 166 -12.99 12.40 -1.31
N ILE C 167 -12.97 11.71 -0.17
CA ILE C 167 -13.14 12.36 1.14
C ILE C 167 -11.92 12.04 1.96
N SER C 168 -11.30 13.07 2.52
CA SER C 168 -10.12 12.84 3.34
C SER C 168 -10.15 13.64 4.64
N TYR C 169 -9.52 13.08 5.66
CA TYR C 169 -9.40 13.72 6.95
C TYR C 169 -7.92 13.80 7.32
N GLN C 170 -7.47 15.01 7.62
CA GLN C 170 -6.09 15.29 8.02
C GLN C 170 -6.14 15.67 9.49
N ALA C 171 -5.75 14.75 10.35
CA ALA C 171 -5.83 14.93 11.81
C ALA C 171 -5.05 16.14 12.31
N SER C 172 -3.89 16.40 11.72
CA SER C 172 -3.00 17.48 12.22
C SER C 172 -3.65 18.87 12.10
N THR C 173 -4.53 19.06 11.12
CA THR C 173 -5.25 20.31 10.92
C THR C 173 -6.75 20.20 11.20
N LYS C 174 -7.20 19.03 11.64
CA LYS C 174 -8.61 18.75 11.89
C LYS C 174 -9.52 19.10 10.71
N THR C 175 -9.04 18.83 9.51
CA THR C 175 -9.69 19.26 8.27
C THR C 175 -10.28 18.05 7.54
N LEU C 176 -11.59 18.13 7.27
CA LEU C 176 -12.30 17.18 6.42
C LEU C 176 -12.51 17.81 5.06
N THR C 177 -12.09 17.15 3.98
CA THR C 177 -12.24 17.60 2.62
C THR C 177 -13.08 16.62 1.84
N ALA C 178 -13.98 17.12 1.00
CA ALA C 178 -14.77 16.30 0.09
C ALA C 178 -14.72 16.91 -1.30
N SER C 179 -14.41 16.10 -2.31
CA SER C 179 -14.46 16.53 -3.70
C SER C 179 -15.26 15.56 -4.52
N LEU C 180 -15.84 16.06 -5.61
CA LEU C 180 -16.61 15.28 -6.55
C LEU C 180 -16.22 15.71 -7.94
N VAL C 181 -15.94 14.74 -8.81
CA VAL C 181 -15.60 15.01 -10.20
C VAL C 181 -16.51 14.19 -11.09
N TYR C 182 -17.02 14.84 -12.16
CA TYR C 182 -17.69 14.13 -13.26
C TYR C 182 -16.75 14.18 -14.45
N PRO C 183 -16.07 13.07 -14.73
CA PRO C 183 -15.20 13.06 -15.90
C PRO C 183 -15.94 13.30 -17.22
N SER C 184 -17.19 12.86 -17.28
CA SER C 184 -18.01 13.01 -18.50
C SER C 184 -18.20 14.46 -18.91
N SER C 185 -18.40 15.37 -17.96
CA SER C 185 -18.56 16.80 -18.26
C SER C 185 -17.36 17.72 -17.91
N SER C 186 -16.31 17.15 -17.32
CA SER C 186 -15.20 17.94 -16.80
C SER C 186 -15.63 19.01 -15.78
N THR C 187 -16.59 18.66 -14.92
CA THR C 187 -17.04 19.57 -13.90
C THR C 187 -16.60 18.93 -12.56
N SER C 188 -16.30 19.80 -11.61
CA SER C 188 -15.81 19.35 -10.31
C SER C 188 -16.15 20.32 -9.20
N TYR C 189 -16.24 19.76 -7.99
CA TYR C 189 -16.69 20.46 -6.80
C TYR C 189 -15.87 20.06 -5.60
N ILE C 190 -15.66 20.97 -4.67
CA ILE C 190 -14.86 20.66 -3.49
C ILE C 190 -15.24 21.58 -2.34
N LEU C 191 -15.18 21.05 -1.13
CA LEU C 191 -15.24 21.86 0.06
C LEU C 191 -14.48 21.23 1.18
N ASN C 192 -14.14 22.06 2.16
CA ASN C 192 -13.55 21.54 3.35
C ASN C 192 -13.91 22.37 4.56
N ASP C 193 -13.79 21.75 5.73
CA ASP C 193 -14.08 22.44 6.97
C ASP C 193 -13.37 21.76 8.12
N VAL C 194 -13.27 22.52 9.22
CA VAL C 194 -12.69 22.01 10.47
C VAL C 194 -13.74 21.14 11.15
N VAL C 195 -13.39 19.89 11.41
CA VAL C 195 -14.23 18.95 12.13
C VAL C 195 -13.30 18.17 13.03
N ASP C 196 -13.50 18.26 14.34
CA ASP C 196 -12.57 17.63 15.28
C ASP C 196 -13.09 16.25 15.63
N LEU C 197 -12.61 15.23 14.93
CA LEU C 197 -13.15 13.88 15.08
C LEU C 197 -12.98 13.35 16.49
N LYS C 198 -11.87 13.65 17.15
CA LYS C 198 -11.68 13.22 18.54
C LYS C 198 -12.77 13.77 19.49
N GLN C 199 -13.27 14.97 19.23
CA GLN C 199 -14.34 15.55 20.07
C GLN C 199 -15.73 15.09 19.66
N ILE C 200 -15.91 14.67 18.42
CA ILE C 200 -17.24 14.37 17.89
C ILE C 200 -17.61 12.91 17.93
N LEU C 201 -16.64 12.03 17.59
CA LEU C 201 -16.90 10.61 17.40
C LEU C 201 -16.31 9.76 18.50
N PRO C 202 -16.87 8.56 18.70
CA PRO C 202 -16.24 7.62 19.61
C PRO C 202 -14.94 7.10 19.01
N GLU C 203 -14.13 6.45 19.83
CA GLU C 203 -12.84 5.91 19.40
C GLU C 203 -12.92 4.95 18.21
N TYR C 204 -13.96 4.13 18.20
CA TYR C 204 -14.27 3.25 17.06
C TYR C 204 -15.59 3.66 16.44
N VAL C 205 -15.62 3.63 15.11
CA VAL C 205 -16.83 3.91 14.33
C VAL C 205 -17.03 2.86 13.24
N ARG C 206 -18.23 2.81 12.70
CA ARG C 206 -18.41 2.19 11.38
C ARG C 206 -18.58 3.25 10.33
N VAL C 207 -18.15 2.91 9.11
CA VAL C 207 -18.19 3.82 8.00
C VAL C 207 -18.98 3.21 6.85
N GLY C 208 -19.61 4.07 6.06
CA GLY C 208 -20.36 3.63 4.91
C GLY C 208 -21.27 4.66 4.27
N PHE C 209 -22.31 4.14 3.62
CA PHE C 209 -23.20 4.92 2.80
C PHE C 209 -24.63 4.80 3.28
N THR C 210 -25.40 5.86 3.02
CA THR C 210 -26.84 5.87 3.19
C THR C 210 -27.48 6.64 2.06
N ALA C 211 -28.72 6.28 1.73
CA ALA C 211 -29.44 7.03 0.73
C ALA C 211 -30.94 6.85 0.90
N ALA C 212 -31.71 7.82 0.44
CA ALA C 212 -33.17 7.78 0.54
C ALA C 212 -33.82 8.40 -0.71
N SER C 213 -34.88 7.77 -1.19
CA SER C 213 -35.70 8.36 -2.23
C SER C 213 -36.81 9.21 -1.58
N GLY C 214 -37.50 10.00 -2.39
CA GLY C 214 -38.49 10.94 -1.86
C GLY C 214 -39.71 10.27 -1.23
N LEU C 215 -40.39 11.01 -0.37
CA LEU C 215 -41.56 10.51 0.35
C LEU C 215 -42.89 10.79 -0.38
N SER C 216 -42.83 11.25 -1.64
CA SER C 216 -44.00 11.27 -2.53
C SER C 216 -43.63 10.52 -3.80
N LYS C 217 -44.65 9.93 -4.44
CA LYS C 217 -44.43 8.97 -5.52
C LYS C 217 -43.73 9.52 -6.76
N ASP C 218 -43.83 10.81 -7.00
CA ASP C 218 -43.19 11.42 -8.15
C ASP C 218 -41.78 11.99 -7.87
N HIS C 219 -41.32 11.94 -6.62
CA HIS C 219 -39.98 12.46 -6.27
C HIS C 219 -39.01 11.30 -6.01
N VAL C 220 -38.52 10.69 -7.09
CA VAL C 220 -37.73 9.49 -7.01
C VAL C 220 -36.44 9.61 -7.82
N GLU C 221 -35.46 8.83 -7.41
CA GLU C 221 -34.20 8.67 -8.12
C GLU C 221 -33.50 7.43 -7.53
N THR C 222 -32.59 6.87 -8.31
CA THR C 222 -31.72 5.79 -7.83
C THR C 222 -30.51 6.39 -7.09
N HIS C 223 -29.90 5.56 -6.24
CA HIS C 223 -28.65 5.90 -5.57
C HIS C 223 -27.77 4.66 -5.53
N ASP C 224 -26.88 4.53 -6.51
CA ASP C 224 -26.04 3.36 -6.67
C ASP C 224 -24.57 3.71 -6.43
N VAL C 225 -23.91 2.88 -5.61
CA VAL C 225 -22.45 2.97 -5.43
C VAL C 225 -21.78 1.87 -6.21
N LEU C 226 -20.84 2.28 -7.06
CA LEU C 226 -20.19 1.39 -8.01
C LEU C 226 -18.88 0.79 -7.53
N ALA C 227 -18.17 1.51 -6.65
CA ALA C 227 -16.82 1.11 -6.25
C ALA C 227 -16.47 1.94 -5.02
N TRP C 228 -15.62 1.38 -4.16
CA TRP C 228 -15.27 2.03 -2.90
C TRP C 228 -13.87 1.59 -2.43
N THR C 229 -13.02 2.56 -2.10
CA THR C 229 -11.74 2.27 -1.43
C THR C 229 -11.70 3.09 -0.15
N PHE C 230 -11.06 2.53 0.87
CA PHE C 230 -10.91 3.21 2.17
C PHE C 230 -9.54 2.88 2.74
N ASP C 231 -8.87 3.88 3.29
CA ASP C 231 -7.57 3.67 3.97
C ASP C 231 -7.53 4.58 5.19
N SER C 232 -7.16 4.03 6.33
CA SER C 232 -6.97 4.85 7.55
C SER C 232 -5.65 4.48 8.20
N ASP C 233 -5.04 5.44 8.87
CA ASP C 233 -3.81 5.19 9.61
C ASP C 233 -3.83 5.97 10.94
N LEU C 234 -3.69 5.22 12.02
CA LEU C 234 -3.63 5.74 13.37
C LEU C 234 -2.16 5.69 13.77
N PRO C 235 -1.50 6.85 13.86
CA PRO C 235 -0.06 6.83 14.10
C PRO C 235 0.33 6.51 15.56
N ASP C 236 1.60 6.23 15.76
CA ASP C 236 2.21 6.18 17.10
C ASP C 236 2.26 7.57 17.66
N PRO C 237 2.24 7.71 18.99
CA PRO C 237 2.42 9.06 19.59
C PRO C 237 3.80 9.63 19.30
N SER C 238 3.93 10.96 19.37
CA SER C 238 5.22 11.66 19.18
C SER C 238 6.01 11.67 20.46
N LYS D 1 -12.46 -6.81 -8.45
CA LYS D 1 -11.26 -6.94 -7.56
C LYS D 1 -11.63 -6.49 -6.16
N GLU D 2 -11.18 -7.23 -5.15
CA GLU D 2 -11.35 -6.83 -3.76
C GLU D 2 -10.03 -7.00 -3.05
N THR D 3 -9.71 -6.08 -2.14
CA THR D 3 -8.56 -6.26 -1.24
C THR D 3 -8.97 -5.88 0.18
N THR D 4 -8.28 -6.49 1.15
CA THR D 4 -8.44 -6.20 2.56
C THR D 4 -7.05 -6.14 3.16
N SER D 5 -6.82 -5.19 4.04
CA SER D 5 -5.52 -5.04 4.63
C SER D 5 -5.68 -4.43 6.05
N PHE D 6 -4.81 -4.86 6.97
CA PHE D 6 -4.71 -4.22 8.28
C PHE D 6 -3.32 -4.42 8.87
N VAL D 7 -2.94 -3.48 9.75
CA VAL D 7 -1.65 -3.50 10.46
C VAL D 7 -1.95 -3.15 11.93
N PHE D 8 -1.40 -3.94 12.85
CA PHE D 8 -1.25 -3.60 14.26
C PHE D 8 0.23 -3.73 14.59
N THR D 9 0.92 -2.66 14.95
CA THR D 9 2.30 -2.78 15.47
C THR D 9 2.29 -2.98 16.99
N ARG D 10 1.13 -2.75 17.59
CA ARG D 10 0.80 -3.08 18.98
C ARG D 10 -0.72 -3.02 19.08
N PHE D 11 -1.28 -3.43 20.22
CA PHE D 11 -2.73 -3.54 20.36
C PHE D 11 -3.18 -2.60 21.47
N SER D 12 -4.33 -1.97 21.31
CA SER D 12 -4.86 -1.01 22.28
C SER D 12 -5.84 -1.76 23.20
N PRO D 13 -6.08 -1.23 24.41
CA PRO D 13 -6.78 -2.00 25.44
C PRO D 13 -8.15 -2.53 25.12
N ASP D 14 -8.97 -1.88 24.31
CA ASP D 14 -10.30 -2.50 24.04
C ASP D 14 -10.49 -2.57 22.51
N PRO D 15 -9.87 -3.59 21.86
CA PRO D 15 -9.79 -3.57 20.39
C PRO D 15 -11.10 -4.00 19.75
N GLN D 16 -11.94 -3.03 19.43
CA GLN D 16 -13.29 -3.32 18.93
C GLN D 16 -13.33 -3.86 17.52
N ASN D 17 -12.21 -3.80 16.80
CA ASN D 17 -12.12 -4.46 15.49
C ASN D 17 -11.49 -5.86 15.55
N LEU D 18 -11.31 -6.39 16.78
CA LEU D 18 -10.97 -7.77 17.00
C LEU D 18 -12.08 -8.42 17.80
N LEU D 19 -12.38 -9.66 17.45
CA LEU D 19 -13.34 -10.48 18.17
C LEU D 19 -12.48 -11.37 19.10
N LEU D 20 -12.50 -11.03 20.40
CA LEU D 20 -11.75 -11.75 21.40
C LEU D 20 -12.64 -12.86 21.94
N GLN D 21 -12.11 -14.07 22.01
CA GLN D 21 -12.88 -15.24 22.46
C GLN D 21 -12.11 -15.93 23.57
N GLY D 22 -12.84 -16.52 24.50
CA GLY D 22 -12.23 -17.19 25.67
C GLY D 22 -11.47 -16.20 26.54
N ASP D 23 -10.25 -16.58 26.93
CA ASP D 23 -9.48 -15.84 27.92
C ASP D 23 -8.68 -14.64 27.43
N THR D 24 -8.70 -14.36 26.14
CA THR D 24 -7.82 -13.33 25.60
C THR D 24 -8.03 -11.94 26.20
N VAL D 25 -6.94 -11.27 26.55
CA VAL D 25 -6.97 -9.85 26.93
C VAL D 25 -5.82 -9.12 26.24
N VAL D 26 -5.91 -7.80 26.23
CA VAL D 26 -4.78 -6.98 25.86
C VAL D 26 -4.04 -6.50 27.10
N THR D 27 -2.73 -6.67 27.11
CA THR D 27 -1.92 -6.28 28.28
C THR D 27 -1.64 -4.78 28.24
N SER D 28 -1.13 -4.27 29.34
CA SER D 28 -0.74 -2.87 29.42
C SER D 28 0.46 -2.56 28.50
N SER D 29 1.26 -3.56 28.14
CA SER D 29 2.32 -3.39 27.16
C SER D 29 1.79 -3.40 25.70
N GLY D 30 0.49 -3.60 25.51
CA GLY D 30 -0.12 -3.64 24.18
C GLY D 30 0.06 -4.95 23.43
N HIS D 31 0.14 -6.05 24.16
CA HIS D 31 0.22 -7.37 23.57
C HIS D 31 -1.11 -8.08 23.70
N LEU D 32 -1.37 -8.95 22.75
CA LEU D 32 -2.53 -9.84 22.78
C LEU D 32 -2.13 -11.07 23.60
N GLN D 33 -2.65 -11.14 24.82
CA GLN D 33 -2.32 -12.21 25.75
C GLN D 33 -3.38 -13.27 25.61
N LEU D 34 -3.11 -14.32 24.85
CA LEU D 34 -4.16 -15.27 24.48
C LEU D 34 -4.53 -16.19 25.64
N THR D 35 -3.54 -16.57 26.45
CA THR D 35 -3.79 -17.42 27.62
C THR D 35 -3.44 -16.68 28.90
N GLN D 36 -4.12 -17.09 29.97
CA GLN D 36 -4.23 -16.28 31.17
C GLN D 36 -2.93 -16.26 31.94
N VAL D 37 -2.65 -15.11 32.53
CA VAL D 37 -1.52 -14.92 33.42
C VAL D 37 -2.08 -14.40 34.73
N LYS D 38 -1.69 -15.01 35.85
CA LYS D 38 -2.12 -14.63 37.18
C LYS D 38 -0.88 -14.46 38.05
N ASP D 39 -0.70 -13.26 38.61
CA ASP D 39 0.48 -12.93 39.43
C ASP D 39 1.78 -13.26 38.71
N GLY D 40 1.88 -12.86 37.44
CA GLY D 40 3.09 -13.09 36.64
C GLY D 40 3.34 -14.51 36.13
N GLU D 41 2.44 -15.45 36.41
CA GLU D 41 2.62 -16.86 36.04
C GLU D 41 1.50 -17.33 35.12
N PRO D 42 1.85 -18.13 34.08
CA PRO D 42 0.80 -18.64 33.20
C PRO D 42 -0.09 -19.65 33.91
N VAL D 43 -1.37 -19.57 33.61
CA VAL D 43 -2.40 -20.38 34.24
C VAL D 43 -2.72 -21.56 33.32
N TYR D 44 -2.92 -22.73 33.93
CA TYR D 44 -3.29 -23.92 33.18
C TYR D 44 -4.74 -23.88 32.73
N SER D 45 -5.08 -24.76 31.81
CA SER D 45 -6.43 -24.90 31.27
C SER D 45 -6.99 -23.61 30.69
N SER D 46 -6.13 -22.79 30.08
CA SER D 46 -6.53 -21.51 29.51
C SER D 46 -6.59 -21.67 27.99
N LEU D 47 -7.60 -21.04 27.40
CA LEU D 47 -7.79 -21.03 25.95
C LEU D 47 -8.27 -19.65 25.58
N GLY D 48 -7.60 -19.03 24.60
CA GLY D 48 -8.04 -17.75 24.07
C GLY D 48 -7.83 -17.66 22.57
N ARG D 49 -8.72 -16.92 21.92
CA ARG D 49 -8.62 -16.68 20.48
C ARG D 49 -8.82 -15.19 20.21
N ALA D 50 -8.44 -14.77 19.00
CA ALA D 50 -8.58 -13.39 18.59
C ALA D 50 -8.71 -13.37 17.09
N LEU D 51 -9.83 -12.87 16.58
CA LEU D 51 -10.11 -12.87 15.16
C LEU D 51 -10.26 -11.42 14.69
N TYR D 52 -9.83 -11.14 13.46
CA TYR D 52 -10.17 -9.85 12.88
C TYR D 52 -11.68 -9.79 12.67
N TYR D 53 -12.26 -8.63 12.96
CA TYR D 53 -13.72 -8.51 12.97
C TYR D 53 -14.38 -8.73 11.59
N ALA D 54 -13.79 -8.17 10.55
CA ALA D 54 -14.39 -8.30 9.22
C ALA D 54 -14.06 -9.67 8.61
N PRO D 55 -15.08 -10.32 8.05
CA PRO D 55 -14.84 -11.46 7.20
C PRO D 55 -13.90 -11.11 6.05
N ILE D 56 -13.10 -12.09 5.64
CA ILE D 56 -12.20 -11.98 4.53
C ILE D 56 -12.81 -12.77 3.36
N HIS D 57 -12.85 -12.15 2.19
CA HIS D 57 -13.38 -12.81 0.99
C HIS D 57 -12.23 -13.58 0.36
N ILE D 58 -12.21 -14.90 0.57
CA ILE D 58 -11.06 -15.70 0.08
C ILE D 58 -11.29 -16.38 -1.26
N TRP D 59 -12.55 -16.60 -1.65
CA TRP D 59 -12.87 -16.99 -3.03
C TRP D 59 -14.29 -16.62 -3.39
N ASP D 60 -14.56 -16.55 -4.69
CA ASP D 60 -15.85 -16.08 -5.17
C ASP D 60 -16.43 -17.04 -6.20
N SER D 61 -17.56 -17.64 -5.86
CA SER D 61 -18.23 -18.62 -6.76
C SER D 61 -18.80 -17.97 -7.99
N ASN D 62 -19.18 -16.69 -7.86
CA ASN D 62 -19.75 -15.93 -8.96
C ASN D 62 -18.75 -15.74 -10.12
N THR D 63 -17.48 -15.47 -9.80
CA THR D 63 -16.44 -15.19 -10.80
C THR D 63 -15.39 -16.30 -10.95
N ASP D 64 -15.55 -17.39 -10.19
CA ASP D 64 -14.53 -18.43 -10.04
C ASP D 64 -13.09 -17.94 -9.79
N THR D 65 -12.92 -17.00 -8.87
CA THR D 65 -11.60 -16.49 -8.49
C THR D 65 -11.27 -16.86 -7.06
N VAL D 66 -9.97 -16.91 -6.77
CA VAL D 66 -9.46 -17.29 -5.46
C VAL D 66 -8.43 -16.25 -5.04
N ALA D 67 -8.44 -15.89 -3.76
CA ALA D 67 -7.57 -14.84 -3.25
C ALA D 67 -6.17 -15.31 -2.91
N ASN D 68 -5.20 -14.40 -3.04
CA ASN D 68 -3.92 -14.52 -2.40
C ASN D 68 -3.99 -13.86 -1.02
N PHE D 69 -3.14 -14.29 -0.11
CA PHE D 69 -2.93 -13.48 1.12
C PHE D 69 -1.53 -13.62 1.65
N VAL D 70 -1.10 -12.64 2.43
CA VAL D 70 0.13 -12.74 3.20
C VAL D 70 -0.17 -12.14 4.57
N THR D 71 0.22 -12.85 5.61
CA THR D 71 0.12 -12.33 6.98
C THR D 71 1.47 -12.46 7.68
N SER D 72 1.78 -11.47 8.51
CA SER D 72 2.99 -11.55 9.32
C SER D 72 2.57 -11.27 10.75
N PHE D 73 3.24 -11.89 11.69
CA PHE D 73 3.05 -11.58 13.08
C PHE D 73 4.26 -11.95 13.90
N SER D 74 4.34 -11.36 15.10
CA SER D 74 5.37 -11.65 16.07
C SER D 74 4.70 -12.24 17.31
N PHE D 75 5.27 -13.30 17.85
CA PHE D 75 4.75 -13.90 19.10
C PHE D 75 5.85 -14.35 20.03
N VAL D 76 5.47 -14.52 21.31
CA VAL D 76 6.36 -15.02 22.34
C VAL D 76 5.65 -16.10 23.12
N ILE D 77 6.33 -17.21 23.34
CA ILE D 77 5.93 -18.26 24.30
C ILE D 77 6.99 -18.29 25.40
N ASP D 78 6.54 -18.17 26.64
CA ASP D 78 7.40 -18.26 27.82
C ASP D 78 6.91 -19.37 28.74
N ALA D 79 7.62 -20.49 28.74
CA ALA D 79 7.33 -21.64 29.60
C ALA D 79 8.26 -21.58 30.82
N PRO D 80 7.71 -21.47 32.04
CA PRO D 80 8.60 -21.51 33.25
C PRO D 80 9.53 -22.73 33.28
N ASN D 81 9.03 -23.88 32.83
CA ASN D 81 9.79 -25.11 32.70
C ASN D 81 9.62 -25.62 31.26
N LYS D 82 10.69 -25.48 30.48
CA LYS D 82 10.65 -25.84 29.06
C LYS D 82 10.26 -27.30 28.82
N ALA D 83 10.69 -28.20 29.72
CA ALA D 83 10.33 -29.61 29.60
C ALA D 83 8.81 -29.89 29.79
N LYS D 84 8.09 -28.98 30.44
CA LYS D 84 6.64 -29.12 30.60
C LYS D 84 5.85 -28.05 29.84
N ALA D 85 6.36 -27.66 28.68
CA ALA D 85 5.65 -26.70 27.81
C ALA D 85 4.35 -27.33 27.28
N ALA D 86 3.26 -26.57 27.29
CA ALA D 86 2.01 -26.96 26.62
C ALA D 86 1.07 -25.79 26.49
N ASP D 87 0.17 -25.74 25.49
CA ASP D 87 0.06 -26.64 24.32
C ASP D 87 0.46 -26.01 22.98
N GLY D 88 0.36 -24.71 22.88
CA GLY D 88 0.84 -23.99 21.70
C GLY D 88 -0.10 -22.94 21.16
N LEU D 89 0.19 -22.49 19.94
CA LEU D 89 -0.46 -21.36 19.32
C LEU D 89 -0.67 -21.69 17.86
N ALA D 90 -1.76 -21.20 17.28
CA ALA D 90 -1.97 -21.33 15.84
C ALA D 90 -2.53 -20.06 15.23
N PHE D 91 -2.18 -19.86 13.96
CA PHE D 91 -2.87 -18.94 13.10
C PHE D 91 -3.86 -19.78 12.32
N PHE D 92 -5.08 -19.28 12.15
CA PHE D 92 -6.08 -20.06 11.42
C PHE D 92 -7.10 -19.24 10.64
N LEU D 93 -7.73 -19.95 9.68
CA LEU D 93 -8.86 -19.48 8.92
C LEU D 93 -10.03 -20.43 9.18
N ALA D 94 -11.23 -19.88 9.29
CA ALA D 94 -12.38 -20.67 9.73
C ALA D 94 -13.66 -19.99 9.27
N PRO D 95 -14.81 -20.70 9.35
CA PRO D 95 -16.06 -20.01 9.03
C PRO D 95 -16.29 -18.76 9.85
N VAL D 96 -17.05 -17.82 9.29
CA VAL D 96 -17.26 -16.51 9.94
C VAL D 96 -17.79 -16.63 11.37
N ASP D 97 -18.69 -17.57 11.60
CA ASP D 97 -19.28 -17.78 12.93
C ASP D 97 -18.48 -18.71 13.86
N THR D 98 -17.23 -18.98 13.54
CA THR D 98 -16.37 -19.86 14.36
C THR D 98 -16.36 -19.47 15.85
N GLU D 99 -16.43 -20.51 16.69
CA GLU D 99 -16.40 -20.38 18.13
C GLU D 99 -15.29 -21.29 18.68
N PRO D 100 -14.75 -20.97 19.86
CA PRO D 100 -13.70 -21.84 20.42
C PRO D 100 -14.19 -23.25 20.66
N GLN D 101 -13.35 -24.23 20.39
CA GLN D 101 -13.67 -25.63 20.60
C GLN D 101 -12.90 -26.14 21.81
N LYS D 102 -12.38 -27.36 21.77
CA LYS D 102 -11.75 -27.96 22.96
C LYS D 102 -10.40 -27.32 23.26
N PRO D 103 -10.06 -27.21 24.54
CA PRO D 103 -8.78 -26.64 24.94
C PRO D 103 -7.62 -27.66 24.84
N GLY D 104 -6.51 -27.37 25.50
CA GLY D 104 -5.38 -28.27 25.54
C GLY D 104 -4.79 -28.49 24.15
N GLY D 105 -4.48 -29.73 23.84
CA GLY D 105 -3.83 -30.11 22.58
C GLY D 105 -4.69 -29.93 21.34
N LEU D 106 -6.00 -29.74 21.50
CA LEU D 106 -6.83 -29.41 20.34
C LEU D 106 -6.83 -27.92 20.01
N LEU D 107 -6.16 -27.10 20.84
CA LEU D 107 -5.79 -25.72 20.55
C LEU D 107 -6.95 -24.77 20.35
N GLY D 108 -8.13 -25.12 20.86
CA GLY D 108 -9.33 -24.36 20.59
C GLY D 108 -9.90 -24.49 19.20
N LEU D 109 -9.32 -25.35 18.36
CA LEU D 109 -9.69 -25.41 16.96
C LEU D 109 -10.69 -26.51 16.64
N PHE D 110 -10.56 -27.64 17.32
CA PHE D 110 -11.30 -28.83 16.97
C PHE D 110 -12.02 -29.40 18.19
N HIS D 111 -13.13 -30.08 17.94
CA HIS D 111 -13.92 -30.72 19.00
C HIS D 111 -13.32 -32.09 19.38
N ASP D 112 -12.59 -32.72 18.46
CA ASP D 112 -11.95 -34.01 18.70
C ASP D 112 -10.72 -34.16 17.80
N ASP D 113 -10.06 -35.32 17.85
CA ASP D 113 -8.86 -35.60 17.07
C ASP D 113 -9.08 -36.23 15.69
N ARG D 114 -10.31 -36.17 15.19
CA ARG D 114 -10.66 -36.78 13.91
C ARG D 114 -10.65 -35.75 12.79
N HIS D 115 -10.59 -36.24 11.57
CA HIS D 115 -10.71 -35.44 10.39
C HIS D 115 -12.18 -35.30 10.01
N ASN D 116 -12.59 -34.07 9.68
CA ASN D 116 -13.98 -33.81 9.30
C ASN D 116 -13.97 -32.61 8.34
N LYS D 117 -14.38 -32.87 7.10
CA LYS D 117 -14.49 -31.83 6.06
C LYS D 117 -15.40 -30.66 6.43
N SER D 118 -16.36 -30.88 7.32
CA SER D 118 -17.25 -29.79 7.76
C SER D 118 -16.64 -28.90 8.82
N ASN D 119 -15.44 -29.19 9.28
CA ASN D 119 -14.71 -28.25 10.15
C ASN D 119 -14.40 -26.94 9.40
N HIS D 120 -14.06 -27.03 8.12
CA HIS D 120 -13.63 -25.87 7.34
C HIS D 120 -12.54 -25.05 8.04
N ILE D 121 -11.49 -25.71 8.49
CA ILE D 121 -10.37 -25.07 9.18
C ILE D 121 -9.07 -25.32 8.42
N VAL D 122 -8.31 -24.24 8.22
CA VAL D 122 -6.89 -24.34 7.80
C VAL D 122 -6.11 -23.60 8.87
N ALA D 123 -5.07 -24.22 9.40
CA ALA D 123 -4.27 -23.62 10.45
C ALA D 123 -2.79 -23.93 10.29
N VAL D 124 -1.98 -23.02 10.83
CA VAL D 124 -0.56 -23.26 10.99
C VAL D 124 -0.32 -23.24 12.49
N GLU D 125 0.15 -24.37 13.02
CA GLU D 125 0.33 -24.55 14.46
C GLU D 125 1.79 -24.51 14.87
N PHE D 126 2.02 -23.97 16.06
CA PHE D 126 3.30 -23.94 16.75
C PHE D 126 3.05 -24.73 18.03
N ASP D 127 3.36 -26.03 17.95
CA ASP D 127 2.86 -27.06 18.86
C ASP D 127 3.97 -27.46 19.84
N THR D 128 3.77 -27.13 21.11
CA THR D 128 4.76 -27.31 22.16
C THR D 128 4.58 -28.59 23.01
N PHE D 129 3.57 -29.40 22.72
CA PHE D 129 3.30 -30.62 23.54
C PHE D 129 2.95 -31.80 22.68
N LYS D 130 3.65 -32.92 22.90
CA LYS D 130 3.41 -34.14 22.14
C LYS D 130 2.16 -34.89 22.58
N ASN D 131 1.09 -34.74 21.80
CA ASN D 131 -0.12 -35.53 21.96
C ASN D 131 0.04 -36.88 21.24
N SER D 132 -0.95 -37.74 21.41
CA SER D 132 -0.89 -39.08 20.81
C SER D 132 -0.87 -39.06 19.30
N TRP D 133 -1.44 -38.01 18.70
CA TRP D 133 -1.47 -37.81 17.24
C TRP D 133 -0.24 -37.03 16.68
N ASP D 134 0.67 -36.61 17.53
CA ASP D 134 1.77 -35.72 17.14
C ASP D 134 3.06 -36.46 16.76
N PRO D 135 3.88 -35.83 15.92
CA PRO D 135 5.26 -36.29 15.80
C PRO D 135 6.05 -36.06 17.08
N GLU D 136 7.23 -36.64 17.19
CA GLU D 136 8.12 -36.41 18.31
C GLU D 136 8.68 -35.01 18.29
N GLY D 137 8.70 -34.38 19.47
CA GLY D 137 9.29 -33.08 19.65
C GLY D 137 8.37 -31.94 19.24
N THR D 138 8.73 -30.75 19.70
CA THR D 138 8.01 -29.55 19.34
C THR D 138 8.13 -29.31 17.82
N HIS D 139 7.06 -28.83 17.21
CA HIS D 139 6.98 -28.78 15.76
C HIS D 139 6.05 -27.68 15.27
N ILE D 140 6.25 -27.30 14.01
CA ILE D 140 5.34 -26.46 13.30
C ILE D 140 4.57 -27.39 12.37
N GLY D 141 3.27 -27.16 12.24
CA GLY D 141 2.46 -27.96 11.34
C GLY D 141 1.44 -27.21 10.52
N ILE D 142 1.13 -27.75 9.34
CA ILE D 142 0.03 -27.27 8.50
C ILE D 142 -1.13 -28.24 8.67
N ASN D 143 -2.26 -27.71 9.16
CA ASN D 143 -3.43 -28.52 9.49
C ASN D 143 -4.58 -28.15 8.60
N VAL D 144 -5.29 -29.14 8.06
CA VAL D 144 -6.45 -28.95 7.23
C VAL D 144 -7.54 -29.87 7.75
N ASN D 145 -8.56 -29.30 8.39
CA ASN D 145 -9.73 -30.04 8.91
C ASN D 145 -9.48 -31.08 9.99
N SER D 146 -8.30 -31.04 10.59
CA SER D 146 -7.89 -31.98 11.62
C SER D 146 -6.73 -31.42 12.44
N ILE D 147 -6.68 -31.79 13.72
CA ILE D 147 -5.50 -31.55 14.56
C ILE D 147 -4.27 -32.39 14.15
N VAL D 148 -4.49 -33.42 13.33
CA VAL D 148 -3.40 -34.27 12.83
C VAL D 148 -2.86 -33.56 11.59
N SER D 149 -1.73 -32.88 11.75
CA SER D 149 -1.20 -32.04 10.69
C SER D 149 -0.91 -32.87 9.41
N ARG D 150 -1.18 -32.25 8.27
CA ARG D 150 -0.81 -32.80 6.98
C ARG D 150 0.71 -32.90 6.81
N LYS D 151 1.43 -31.95 7.39
CA LYS D 151 2.88 -31.86 7.21
C LYS D 151 3.41 -31.11 8.46
N THR D 152 4.54 -31.60 8.96
CA THR D 152 5.20 -31.01 10.11
C THR D 152 6.68 -30.91 9.86
N ILE D 153 7.29 -29.96 10.55
CA ILE D 153 8.72 -29.86 10.67
C ILE D 153 9.08 -29.63 12.11
N SER D 154 10.28 -30.07 12.46
CA SER D 154 10.81 -29.85 13.78
C SER D 154 11.05 -28.35 14.02
N TRP D 155 10.74 -27.89 15.22
CA TRP D 155 10.93 -26.49 15.62
C TRP D 155 11.31 -26.46 17.07
N ASP D 156 12.45 -25.87 17.40
CA ASP D 156 12.89 -25.71 18.78
C ASP D 156 12.40 -24.38 19.33
N LEU D 157 11.55 -24.44 20.35
CA LEU D 157 11.08 -23.26 21.05
C LEU D 157 12.26 -22.53 21.70
N GLU D 158 12.41 -21.25 21.36
CA GLU D 158 13.38 -20.40 22.05
C GLU D 158 12.57 -19.65 23.07
N ASN D 159 12.77 -20.07 24.31
CA ASN D 159 11.89 -19.66 25.38
C ASN D 159 11.96 -18.17 25.63
N ASP D 160 10.80 -17.52 25.69
CA ASP D 160 10.68 -16.09 25.89
C ASP D 160 11.41 -15.19 24.87
N GLU D 161 11.65 -15.69 23.67
CA GLU D 161 12.24 -14.90 22.57
C GLU D 161 11.17 -14.60 21.51
N VAL D 162 11.29 -13.47 20.84
CA VAL D 162 10.33 -13.05 19.82
C VAL D 162 10.51 -13.90 18.56
N ALA D 163 9.44 -14.52 18.10
CA ALA D 163 9.37 -15.22 16.83
C ALA D 163 8.66 -14.34 15.80
N ASN D 164 9.22 -14.24 14.60
CA ASN D 164 8.60 -13.53 13.48
C ASN D 164 8.11 -14.54 12.46
N VAL D 165 6.80 -14.59 12.27
CA VAL D 165 6.14 -15.54 11.39
C VAL D 165 5.62 -14.82 10.17
N VAL D 166 5.71 -15.49 9.01
CA VAL D 166 5.07 -15.07 7.76
C VAL D 166 4.34 -16.27 7.19
N ILE D 167 3.08 -16.09 6.90
CA ILE D 167 2.25 -17.13 6.26
C ILE D 167 1.68 -16.52 5.01
N SER D 168 1.82 -17.22 3.89
CA SER D 168 1.33 -16.71 2.61
C SER D 168 0.63 -17.81 1.81
N TYR D 169 -0.34 -17.38 1.01
CA TYR D 169 -1.08 -18.27 0.13
C TYR D 169 -1.01 -17.73 -1.28
N GLN D 170 -0.53 -18.56 -2.21
CA GLN D 170 -0.43 -18.22 -3.62
C GLN D 170 -1.51 -19.06 -4.33
N ALA D 171 -2.59 -18.41 -4.72
CA ALA D 171 -3.75 -19.11 -5.32
C ALA D 171 -3.40 -19.83 -6.62
N SER D 172 -2.52 -19.25 -7.43
CA SER D 172 -2.22 -19.81 -8.76
C SER D 172 -1.57 -21.22 -8.65
N THR D 173 -0.85 -21.49 -7.55
CA THR D 173 -0.23 -22.77 -7.30
C THR D 173 -0.84 -23.54 -6.13
N LYS D 174 -1.90 -22.98 -5.54
CA LYS D 174 -2.55 -23.53 -4.35
C LYS D 174 -1.58 -23.86 -3.20
N THR D 175 -0.59 -23.00 -3.02
CA THR D 175 0.51 -23.22 -2.10
C THR D 175 0.42 -22.33 -0.86
N LEU D 176 0.38 -22.96 0.32
CA LEU D 176 0.45 -22.28 1.61
C LEU D 176 1.85 -22.43 2.17
N THR D 177 2.51 -21.34 2.51
CA THR D 177 3.87 -21.33 3.02
C THR D 177 3.89 -20.67 4.40
N ALA D 178 4.60 -21.27 5.34
CA ALA D 178 4.75 -20.72 6.67
C ALA D 178 6.22 -20.72 7.07
N SER D 179 6.71 -19.58 7.56
CA SER D 179 8.06 -19.48 8.05
C SER D 179 8.10 -18.85 9.41
N LEU D 180 9.10 -19.21 10.19
CA LEU D 180 9.36 -18.61 11.47
C LEU D 180 10.84 -18.29 11.58
N VAL D 181 11.15 -17.09 12.05
CA VAL D 181 12.49 -16.64 12.34
C VAL D 181 12.59 -16.16 13.77
N TYR D 182 13.66 -16.55 14.45
CA TYR D 182 14.09 -15.92 15.71
C TYR D 182 15.28 -15.00 15.43
N PRO D 183 15.05 -13.70 15.36
CA PRO D 183 16.17 -12.82 15.04
C PRO D 183 17.25 -12.81 16.10
N SER D 184 16.89 -13.05 17.36
CA SER D 184 17.86 -13.11 18.46
C SER D 184 18.97 -14.16 18.24
N SER D 185 18.62 -15.34 17.72
CA SER D 185 19.58 -16.41 17.47
C SER D 185 19.91 -16.67 15.98
N SER D 186 19.27 -15.95 15.07
CA SER D 186 19.37 -16.21 13.62
C SER D 186 19.02 -17.65 13.24
N THR D 187 17.96 -18.17 13.84
CA THR D 187 17.47 -19.50 13.56
C THR D 187 16.15 -19.34 12.79
N SER D 188 15.93 -20.21 11.82
CA SER D 188 14.76 -20.10 10.98
C SER D 188 14.22 -21.44 10.47
N TYR D 189 12.94 -21.45 10.15
CA TYR D 189 12.18 -22.62 9.76
C TYR D 189 11.19 -22.27 8.69
N ILE D 190 10.89 -23.23 7.82
CA ILE D 190 9.92 -22.99 6.78
C ILE D 190 9.32 -24.31 6.31
N LEU D 191 8.06 -24.28 5.93
CA LEU D 191 7.43 -25.38 5.23
C LEU D 191 6.30 -24.91 4.38
N ASN D 192 5.92 -25.73 3.44
CA ASN D 192 4.83 -25.41 2.55
C ASN D 192 4.10 -26.64 2.07
N ASP D 193 2.87 -26.46 1.66
CA ASP D 193 2.07 -27.55 1.12
C ASP D 193 0.98 -27.03 0.22
N VAL D 194 0.46 -27.93 -0.62
CA VAL D 194 -0.67 -27.66 -1.49
C VAL D 194 -1.92 -27.75 -0.66
N VAL D 195 -2.68 -26.67 -0.61
CA VAL D 195 -3.94 -26.60 0.14
C VAL D 195 -4.90 -25.83 -0.75
N ASP D 196 -5.99 -26.47 -1.15
CA ASP D 196 -6.90 -25.83 -2.11
C ASP D 196 -7.99 -25.12 -1.32
N LEU D 197 -7.81 -23.81 -1.12
CA LEU D 197 -8.73 -23.06 -0.26
C LEU D 197 -10.17 -23.11 -0.77
N LYS D 198 -10.34 -23.03 -2.09
CA LYS D 198 -11.67 -23.11 -2.68
C LYS D 198 -12.42 -24.39 -2.32
N GLN D 199 -11.71 -25.51 -2.20
CA GLN D 199 -12.34 -26.79 -1.83
C GLN D 199 -12.52 -26.97 -0.35
N ILE D 200 -11.73 -26.28 0.47
CA ILE D 200 -11.73 -26.50 1.91
C ILE D 200 -12.59 -25.52 2.69
N LEU D 201 -12.52 -24.25 2.31
CA LEU D 201 -13.11 -23.15 3.10
C LEU D 201 -14.34 -22.57 2.43
N PRO D 202 -15.23 -21.94 3.20
CA PRO D 202 -16.31 -21.17 2.61
C PRO D 202 -15.76 -19.90 1.94
N GLU D 203 -16.58 -19.28 1.12
CA GLU D 203 -16.19 -18.07 0.39
C GLU D 203 -15.68 -16.94 1.28
N TYR D 204 -16.31 -16.78 2.43
CA TYR D 204 -15.85 -15.84 3.46
C TYR D 204 -15.44 -16.57 4.70
N VAL D 205 -14.34 -16.11 5.31
CA VAL D 205 -13.83 -16.68 6.55
C VAL D 205 -13.48 -15.57 7.54
N ARG D 206 -13.29 -15.93 8.79
CA ARG D 206 -12.52 -15.09 9.69
C ARG D 206 -11.15 -15.66 9.91
N VAL D 207 -10.21 -14.77 10.20
CA VAL D 207 -8.83 -15.14 10.39
C VAL D 207 -8.35 -14.63 11.74
N GLY D 208 -7.40 -15.35 12.32
CA GLY D 208 -6.80 -14.96 13.58
C GLY D 208 -5.99 -16.01 14.27
N PHE D 209 -5.94 -15.88 15.60
CA PHE D 209 -5.07 -16.66 16.45
C PHE D 209 -5.85 -17.44 17.46
N THR D 210 -5.27 -18.56 17.86
CA THR D 210 -5.75 -19.33 19.02
C THR D 210 -4.56 -19.87 19.78
N ALA D 211 -4.75 -20.07 21.07
CA ALA D 211 -3.68 -20.64 21.88
C ALA D 211 -4.26 -21.26 23.13
N ALA D 212 -3.56 -22.26 23.67
CA ALA D 212 -4.03 -22.99 24.83
C ALA D 212 -2.85 -23.39 25.71
N SER D 213 -3.00 -23.24 27.04
CA SER D 213 -2.06 -23.80 27.98
C SER D 213 -2.46 -25.25 28.32
N GLY D 214 -1.58 -25.97 29.01
CA GLY D 214 -1.79 -27.38 29.27
C GLY D 214 -2.95 -27.67 30.23
N LEU D 215 -3.47 -28.88 30.15
CA LEU D 215 -4.59 -29.33 30.98
C LEU D 215 -4.17 -29.97 32.30
N SER D 216 -2.88 -29.89 32.67
CA SER D 216 -2.43 -30.19 34.04
C SER D 216 -1.67 -28.99 34.56
N LYS D 217 -1.68 -28.82 35.88
CA LYS D 217 -1.22 -27.58 36.50
C LYS D 217 0.21 -27.19 36.28
N ASP D 218 1.06 -28.16 36.05
CA ASP D 218 2.50 -27.92 35.84
C ASP D 218 2.89 -27.79 34.35
N HIS D 219 1.94 -27.96 33.42
CA HIS D 219 2.25 -27.84 31.98
C HIS D 219 1.69 -26.53 31.42
N VAL D 220 2.41 -25.45 31.67
CA VAL D 220 1.93 -24.12 31.39
C VAL D 220 2.99 -23.29 30.63
N GLU D 221 2.48 -22.31 29.88
CA GLU D 221 3.28 -21.34 29.19
C GLU D 221 2.37 -20.17 28.76
N THR D 222 2.97 -19.01 28.53
CA THR D 222 2.26 -17.86 27.94
C THR D 222 2.24 -17.99 26.41
N HIS D 223 1.26 -17.31 25.80
CA HIS D 223 1.15 -17.21 24.34
C HIS D 223 0.71 -15.81 23.98
N ASP D 224 1.67 -14.95 23.69
CA ASP D 224 1.44 -13.53 23.45
C ASP D 224 1.72 -13.17 22.01
N VAL D 225 0.81 -12.45 21.36
CA VAL D 225 1.02 -11.89 20.03
C VAL D 225 1.31 -10.40 20.16
N LEU D 226 2.43 -9.98 19.58
CA LEU D 226 2.96 -8.64 19.73
C LEU D 226 2.57 -7.69 18.61
N ALA D 227 2.33 -8.21 17.42
CA ALA D 227 2.12 -7.39 16.22
C ALA D 227 1.55 -8.29 15.15
N TRP D 228 0.77 -7.73 14.24
CA TRP D 228 0.10 -8.50 13.21
C TRP D 228 -0.20 -7.62 11.97
N THR D 229 0.17 -8.09 10.79
CA THR D 229 -0.27 -7.47 9.53
C THR D 229 -0.92 -8.55 8.67
N PHE D 230 -1.92 -8.13 7.89
CA PHE D 230 -2.64 -9.04 7.00
C PHE D 230 -2.98 -8.30 5.72
N ASP D 231 -2.80 -8.97 4.58
CA ASP D 231 -3.18 -8.42 3.27
C ASP D 231 -3.75 -9.51 2.43
N SER D 232 -4.90 -9.30 1.80
CA SER D 232 -5.47 -10.28 0.87
C SER D 232 -5.94 -9.56 -0.38
N ASP D 233 -5.92 -10.27 -1.50
CA ASP D 233 -6.36 -9.71 -2.78
C ASP D 233 -7.08 -10.77 -3.60
N LEU D 234 -8.32 -10.46 -3.93
CA LEU D 234 -9.18 -11.34 -4.74
C LEU D 234 -9.22 -10.68 -6.12
N PRO D 235 -8.56 -11.30 -7.11
CA PRO D 235 -8.47 -10.65 -8.41
C PRO D 235 -9.76 -10.74 -9.24
N ASP D 236 -9.81 -9.93 -10.29
CA ASP D 236 -10.84 -10.03 -11.31
C ASP D 236 -10.62 -11.33 -12.10
N PRO D 237 -11.69 -11.89 -12.67
CA PRO D 237 -11.48 -13.04 -13.57
C PRO D 237 -10.67 -12.67 -14.84
N SER D 238 -10.15 -13.68 -15.50
CA SER D 238 -9.56 -13.52 -16.87
C SER D 238 -10.50 -13.19 -18.06
#